data_4B3U
#
_entry.id   4B3U
#
_cell.length_a   64.210
_cell.length_b   154.580
_cell.length_c   134.030
_cell.angle_alpha   90.00
_cell.angle_beta   92.05
_cell.angle_gamma   90.00
#
_symmetry.space_group_name_H-M   'C 1 2 1'
#
loop_
_entity.id
_entity.type
_entity.pdbx_description
1 polymer 'GLUCOSE-1-PHOSPHATE THYMIDYLYLTRANSFERASE'
2 non-polymer 6-amino-1-benzyl-5-(ethylamino)pyrimidine-2,4(1H,3H)-dione
3 non-polymer 'CHLORIDE ION'
4 non-polymer GLYCEROL
5 non-polymer '2-(N-MORPHOLINO)-ETHANESULFONIC ACID'
6 water water
#
_entity_poly.entity_id   1
_entity_poly.type   'polypeptide(L)'
_entity_poly.pdbx_seq_one_letter_code
;HHHHHHGSMAMKRKGIILAGGSGTRLHPATLAISKQLLPVYDKPMIYYPLSTLMLAGIREILIISTPQDTPRFQQLLGDG
SNWGLDLQYAVQPSPDGLAQAFLIGESFIGNDLSALVLGDNLYYGHDFHELLGSASQRQTGASVFAYHVLDPERYGVVEF
DQGGKAISLEEKPLEPKSNYAVTGLYFYDQQVVDIARDLKPSPRGELEITDVNRAYLERGQLSVEIMGRGYAWLDTGTHD
SLLEAGQFIATLENRQGLKVACPEEIAYRQKWIDAAQLEKLAAPLAKNGYGQYLKRLLTETVY
;
_entity_poly.pdbx_strand_id   A,B,C,D
#
loop_
_chem_comp.id
_chem_comp.type
_chem_comp.name
_chem_comp.formula
CL non-polymer 'CHLORIDE ION' 'Cl -1'
GOL non-polymer GLYCEROL 'C3 H8 O3'
MES non-polymer '2-(N-MORPHOLINO)-ETHANESULFONIC ACID' 'C6 H13 N O4 S'
NWL non-polymer 6-amino-1-benzyl-5-(ethylamino)pyrimidine-2,4(1H,3H)-dione 'C13 H16 N4 O2'
#
# COMPACT_ATOMS: atom_id res chain seq x y z
N HIS A 1 35.37 -3.11 -10.36
CA HIS A 1 35.94 -3.49 -9.02
C HIS A 1 35.72 -4.93 -8.73
N HIS A 2 36.32 -5.41 -7.64
CA HIS A 2 36.30 -6.82 -7.30
C HIS A 2 35.08 -7.21 -6.53
N HIS A 3 34.40 -8.24 -7.01
CA HIS A 3 33.28 -8.83 -6.30
C HIS A 3 33.72 -10.07 -5.61
N HIS A 4 32.92 -10.51 -4.66
CA HIS A 4 33.21 -11.71 -3.88
C HIS A 4 32.03 -12.64 -3.91
N HIS A 5 32.25 -13.85 -3.43
CA HIS A 5 31.41 -14.98 -3.81
C HIS A 5 31.20 -15.91 -2.66
N HIS A 6 30.04 -15.76 -2.02
CA HIS A 6 29.60 -16.64 -0.94
C HIS A 6 28.11 -16.57 -0.78
N MET A 11 17.99 -20.93 -3.11
CA MET A 11 17.39 -20.48 -1.85
C MET A 11 17.03 -18.99 -1.92
N LYS A 12 17.93 -18.20 -2.54
CA LYS A 12 17.77 -16.75 -2.66
C LYS A 12 16.95 -16.29 -3.87
N ARG A 13 16.58 -17.20 -4.78
CA ARG A 13 15.72 -16.82 -5.90
C ARG A 13 14.54 -15.94 -5.45
N LYS A 14 14.39 -14.80 -6.11
CA LYS A 14 13.32 -13.86 -5.81
C LYS A 14 12.14 -14.06 -6.74
N GLY A 15 10.96 -13.66 -6.29
CA GLY A 15 9.78 -13.79 -7.10
C GLY A 15 9.14 -12.47 -7.46
N ILE A 16 8.42 -12.50 -8.57
CA ILE A 16 7.70 -11.35 -9.06
C ILE A 16 6.33 -11.82 -9.53
N ILE A 17 5.30 -11.10 -9.10
CA ILE A 17 3.95 -11.32 -9.58
C ILE A 17 3.52 -10.10 -10.36
N LEU A 18 3.24 -10.30 -11.63
CA LEU A 18 2.69 -9.24 -12.44
C LEU A 18 1.16 -9.21 -12.30
N ALA A 19 0.64 -8.17 -11.66
CA ALA A 19 -0.78 -8.07 -11.34
C ALA A 19 -1.30 -6.71 -11.78
N GLY A 20 -0.95 -6.35 -13.02
CA GLY A 20 -1.27 -5.05 -13.60
C GLY A 20 -2.64 -4.98 -14.25
N GLY A 21 -2.79 -4.06 -15.20
CA GLY A 21 -4.07 -3.87 -15.87
C GLY A 21 -4.33 -4.93 -16.93
N SER A 22 -5.57 -5.45 -16.94
CA SER A 22 -6.07 -6.27 -18.07
C SER A 22 -6.75 -5.37 -19.12
N GLY A 23 -6.29 -4.11 -19.21
CA GLY A 23 -6.88 -3.11 -20.08
C GLY A 23 -8.39 -2.96 -19.90
N THR A 24 -9.10 -2.77 -21.01
CA THR A 24 -10.55 -2.67 -21.03
C THR A 24 -11.24 -4.01 -21.34
N ARG A 25 -10.46 -5.07 -21.43
CA ARG A 25 -10.92 -6.34 -22.01
C ARG A 25 -12.09 -6.99 -21.25
N LEU A 26 -12.07 -6.94 -19.92
CA LEU A 26 -13.14 -7.53 -19.10
C LEU A 26 -14.04 -6.45 -18.51
N HIS A 27 -13.93 -5.22 -19.02
CA HIS A 27 -14.86 -4.18 -18.66
C HIS A 27 -16.22 -4.58 -19.18
N PRO A 28 -17.29 -4.32 -18.41
CA PRO A 28 -17.31 -3.45 -17.25
C PRO A 28 -17.06 -4.11 -15.87
N ALA A 29 -16.94 -5.44 -15.81
CA ALA A 29 -16.69 -6.19 -14.58
C ALA A 29 -15.40 -5.78 -13.86
N THR A 30 -14.42 -5.30 -14.62
CA THR A 30 -13.15 -4.87 -14.03
C THR A 30 -12.98 -3.34 -14.01
N LEU A 31 -14.07 -2.57 -14.17
CA LEU A 31 -13.98 -1.10 -14.06
C LEU A 31 -13.67 -0.63 -12.65
N ALA A 32 -14.19 -1.33 -11.65
CA ALA A 32 -14.05 -0.90 -10.27
C ALA A 32 -12.87 -1.54 -9.53
N ILE A 33 -12.30 -2.62 -10.06
CA ILE A 33 -11.08 -3.23 -9.48
C ILE A 33 -10.33 -4.11 -10.46
N SER A 34 -9.06 -4.32 -10.12
CA SER A 34 -8.17 -5.17 -10.86
C SER A 34 -8.65 -6.62 -10.94
N LYS A 35 -8.44 -7.23 -12.10
CA LYS A 35 -8.77 -8.62 -12.32
C LYS A 35 -8.14 -9.48 -11.25
N GLN A 36 -6.90 -9.18 -10.87
CA GLN A 36 -6.18 -10.05 -9.92
C GLN A 36 -6.66 -9.89 -8.46
N LEU A 37 -7.58 -8.95 -8.22
CA LEU A 37 -8.27 -8.87 -6.95
C LEU A 37 -9.67 -9.52 -6.98
N LEU A 38 -10.15 -9.94 -8.17
CA LEU A 38 -11.42 -10.68 -8.25
C LEU A 38 -11.29 -12.05 -7.56
N PRO A 39 -12.30 -12.46 -6.80
CA PRO A 39 -12.15 -13.78 -6.20
C PRO A 39 -12.29 -14.89 -7.24
N VAL A 40 -11.53 -15.95 -7.02
CA VAL A 40 -11.78 -17.23 -7.67
C VAL A 40 -12.33 -18.12 -6.56
N TYR A 41 -13.65 -18.32 -6.59
CA TYR A 41 -14.38 -18.97 -5.52
C TYR A 41 -14.26 -18.18 -4.21
N ASP A 42 -13.35 -18.55 -3.32
CA ASP A 42 -13.38 -18.07 -1.94
C ASP A 42 -12.18 -17.19 -1.56
N LYS A 43 -11.31 -16.87 -2.52
CA LYS A 43 -10.15 -16.06 -2.20
C LYS A 43 -9.75 -15.22 -3.42
N PRO A 44 -9.07 -14.10 -3.20
CA PRO A 44 -8.63 -13.28 -4.32
C PRO A 44 -7.77 -14.05 -5.30
N MET A 45 -7.89 -13.71 -6.57
CA MET A 45 -7.14 -14.39 -7.62
C MET A 45 -5.65 -14.44 -7.29
N ILE A 46 -5.11 -13.35 -6.79
CA ILE A 46 -3.68 -13.26 -6.54
C ILE A 46 -3.15 -14.24 -5.49
N TYR A 47 -4.02 -14.79 -4.63
CA TYR A 47 -3.59 -15.86 -3.73
C TYR A 47 -3.05 -17.08 -4.50
N TYR A 48 -3.59 -17.35 -5.67
CA TYR A 48 -3.17 -18.55 -6.42
C TYR A 48 -1.71 -18.49 -6.92
N PRO A 49 -1.34 -17.45 -7.70
CA PRO A 49 0.08 -17.37 -8.11
C PRO A 49 1.04 -17.10 -6.96
N LEU A 50 0.58 -16.39 -5.93
CA LEU A 50 1.39 -16.20 -4.75
C LEU A 50 1.68 -17.55 -4.10
N SER A 51 0.64 -18.38 -3.97
CA SER A 51 0.83 -19.73 -3.47
C SER A 51 1.79 -20.52 -4.35
N THR A 52 1.73 -20.30 -5.67
CA THR A 52 2.63 -21.02 -6.55
C THR A 52 4.10 -20.67 -6.29
N LEU A 53 4.40 -19.39 -6.11
CA LEU A 53 5.77 -18.97 -5.73
C LEU A 53 6.17 -19.56 -4.38
N MET A 54 5.26 -19.52 -3.41
CA MET A 54 5.53 -20.10 -2.08
C MET A 54 5.86 -21.59 -2.17
N LEU A 55 5.11 -22.32 -3.01
CA LEU A 55 5.37 -23.73 -3.22
C LEU A 55 6.70 -24.01 -3.86
N ALA A 56 7.18 -23.05 -4.65
CA ALA A 56 8.56 -23.09 -5.18
C ALA A 56 9.67 -22.72 -4.16
N GLY A 57 9.28 -22.33 -2.95
CA GLY A 57 10.20 -21.99 -1.87
C GLY A 57 10.61 -20.53 -1.83
N ILE A 58 9.94 -19.69 -2.63
CA ILE A 58 10.26 -18.27 -2.74
C ILE A 58 9.54 -17.45 -1.68
N ARG A 59 10.31 -16.69 -0.92
CA ARG A 59 9.78 -15.92 0.22
C ARG A 59 9.90 -14.43 0.01
N GLU A 60 10.76 -14.02 -0.92
CA GLU A 60 10.94 -12.60 -1.23
C GLU A 60 10.28 -12.29 -2.56
N ILE A 61 9.21 -11.50 -2.51
CA ILE A 61 8.34 -11.32 -3.68
C ILE A 61 7.93 -9.85 -3.91
N LEU A 62 7.98 -9.46 -5.18
CA LEU A 62 7.56 -8.15 -5.64
C LEU A 62 6.22 -8.29 -6.34
N ILE A 63 5.27 -7.48 -5.91
CA ILE A 63 3.99 -7.40 -6.59
C ILE A 63 3.96 -6.11 -7.42
N ILE A 64 3.77 -6.28 -8.71
CA ILE A 64 3.65 -5.18 -9.66
C ILE A 64 2.17 -5.02 -10.01
N SER A 65 1.63 -3.85 -9.70
CA SER A 65 0.25 -3.50 -10.05
C SER A 65 0.17 -2.07 -10.60
N THR A 66 -1.04 -1.62 -10.91
CA THR A 66 -1.27 -0.26 -11.36
C THR A 66 -1.17 0.68 -10.16
N PRO A 67 -0.88 1.96 -10.42
CA PRO A 67 -0.95 2.93 -9.33
C PRO A 67 -2.30 2.91 -8.61
N GLN A 68 -3.39 2.78 -9.37
CA GLN A 68 -4.74 2.82 -8.81
CA GLN A 68 -4.75 2.78 -8.84
C GLN A 68 -4.96 1.71 -7.78
N ASP A 69 -4.49 0.50 -8.07
CA ASP A 69 -4.83 -0.65 -7.21
C ASP A 69 -3.73 -1.15 -6.26
N THR A 70 -2.54 -0.57 -6.32
CA THR A 70 -1.49 -1.02 -5.40
C THR A 70 -1.93 -0.94 -3.92
N PRO A 71 -2.63 0.13 -3.52
CA PRO A 71 -3.04 0.18 -2.11
C PRO A 71 -3.96 -0.96 -1.66
N ARG A 72 -4.83 -1.41 -2.55
CA ARG A 72 -5.71 -2.53 -2.22
C ARG A 72 -4.94 -3.85 -2.12
N PHE A 73 -3.89 -4.03 -2.94
CA PHE A 73 -3.02 -5.21 -2.83
C PHE A 73 -2.24 -5.15 -1.52
N GLN A 74 -1.79 -3.95 -1.17
CA GLN A 74 -1.15 -3.72 0.11
C GLN A 74 -2.06 -3.98 1.32
N GLN A 75 -3.31 -3.57 1.25
CA GLN A 75 -4.27 -3.82 2.34
C GLN A 75 -4.48 -5.32 2.52
N LEU A 76 -4.59 -6.03 1.38
CA LEU A 76 -4.80 -7.47 1.37
C LEU A 76 -3.60 -8.26 1.89
N LEU A 77 -2.42 -7.90 1.42
CA LEU A 77 -1.23 -8.75 1.58
C LEU A 77 -0.20 -8.21 2.57
N GLY A 78 -0.19 -6.90 2.78
CA GLY A 78 0.73 -6.28 3.72
C GLY A 78 2.16 -6.48 3.27
N ASP A 79 3.07 -6.52 4.23
CA ASP A 79 4.49 -6.67 3.91
C ASP A 79 4.91 -8.15 3.94
N GLY A 80 3.95 -9.05 4.14
CA GLY A 80 4.18 -10.49 4.08
C GLY A 80 4.57 -11.13 5.40
N SER A 81 4.85 -10.31 6.42
CA SER A 81 5.40 -10.78 7.68
C SER A 81 4.46 -11.74 8.39
N ASN A 82 3.15 -11.48 8.29
CA ASN A 82 2.14 -12.39 8.82
C ASN A 82 2.30 -13.81 8.31
N TRP A 83 2.86 -13.98 7.11
CA TRP A 83 3.01 -15.30 6.48
C TRP A 83 4.44 -15.77 6.27
N GLY A 84 5.38 -15.16 6.97
CA GLY A 84 6.79 -15.54 6.83
C GLY A 84 7.41 -15.19 5.48
N LEU A 85 6.86 -14.18 4.83
CA LEU A 85 7.35 -13.67 3.56
C LEU A 85 7.84 -12.24 3.70
N ASP A 86 8.52 -11.76 2.67
CA ASP A 86 8.72 -10.33 2.52
C ASP A 86 8.17 -9.89 1.17
N LEU A 87 7.16 -9.04 1.21
CA LEU A 87 6.51 -8.57 0.00
C LEU A 87 6.84 -7.11 -0.22
N GLN A 88 7.27 -6.81 -1.44
CA GLN A 88 7.52 -5.46 -1.86
C GLN A 88 6.56 -5.11 -2.98
N TYR A 89 6.39 -3.83 -3.26
CA TYR A 89 5.41 -3.35 -4.23
C TYR A 89 6.07 -2.42 -5.23
N ALA A 90 5.64 -2.54 -6.47
CA ALA A 90 6.04 -1.61 -7.52
C ALA A 90 4.85 -1.33 -8.40
N VAL A 91 4.84 -0.16 -9.05
CA VAL A 91 3.72 0.19 -9.92
C VAL A 91 4.13 0.05 -11.38
N GLN A 92 3.16 -0.28 -12.22
CA GLN A 92 3.35 -0.23 -13.65
C GLN A 92 2.36 0.81 -14.17
N PRO A 93 2.85 2.03 -14.46
CA PRO A 93 1.97 3.11 -14.93
C PRO A 93 1.19 2.79 -16.21
N SER A 94 1.84 2.12 -17.16
CA SER A 94 1.23 1.78 -18.44
C SER A 94 1.53 0.30 -18.77
N PRO A 95 0.52 -0.45 -19.25
CA PRO A 95 0.71 -1.88 -19.49
C PRO A 95 1.58 -2.15 -20.73
N ASP A 96 2.89 -2.01 -20.57
CA ASP A 96 3.81 -2.03 -21.72
C ASP A 96 4.37 -3.41 -22.03
N GLY A 97 3.80 -4.47 -21.44
CA GLY A 97 4.25 -5.84 -21.68
C GLY A 97 4.80 -6.55 -20.45
N LEU A 98 4.84 -7.88 -20.50
CA LEU A 98 5.20 -8.70 -19.34
C LEU A 98 6.70 -8.62 -19.02
N ALA A 99 7.52 -8.45 -20.05
CA ALA A 99 8.97 -8.39 -19.89
C ALA A 99 9.44 -7.12 -19.16
N GLN A 100 8.55 -6.13 -19.03
CA GLN A 100 8.85 -4.89 -18.33
C GLN A 100 8.99 -5.13 -16.83
N ALA A 101 8.43 -6.24 -16.35
CA ALA A 101 8.56 -6.63 -14.96
C ALA A 101 10.04 -6.64 -14.53
N PHE A 102 10.93 -7.00 -15.45
CA PHE A 102 12.36 -7.07 -15.12
C PHE A 102 13.05 -5.72 -15.04
N LEU A 103 12.59 -4.76 -15.83
CA LEU A 103 13.08 -3.39 -15.74
C LEU A 103 12.47 -2.72 -14.51
N ILE A 104 11.16 -2.88 -14.35
CA ILE A 104 10.49 -2.41 -13.13
C ILE A 104 11.11 -3.00 -11.87
N GLY A 105 11.38 -4.30 -11.89
CA GLY A 105 11.93 -4.99 -10.73
C GLY A 105 13.44 -5.14 -10.68
N GLU A 106 14.17 -4.37 -11.50
CA GLU A 106 15.63 -4.46 -11.57
C GLU A 106 16.31 -4.33 -10.21
N SER A 107 15.94 -3.31 -9.45
CA SER A 107 16.58 -3.07 -8.15
C SER A 107 16.18 -4.14 -7.12
N PHE A 108 14.93 -4.58 -7.21
CA PHE A 108 14.43 -5.65 -6.36
C PHE A 108 15.20 -6.96 -6.57
N ILE A 109 15.44 -7.27 -7.84
CA ILE A 109 16.11 -8.51 -8.23
C ILE A 109 17.59 -8.49 -7.83
N GLY A 110 18.26 -7.39 -8.09
CA GLY A 110 19.66 -7.24 -7.70
C GLY A 110 20.48 -8.25 -8.48
N ASN A 111 21.29 -9.01 -7.76
CA ASN A 111 22.19 -10.00 -8.38
C ASN A 111 21.67 -11.43 -8.27
N ASP A 112 20.38 -11.57 -7.99
CA ASP A 112 19.79 -12.87 -7.67
C ASP A 112 19.14 -13.56 -8.85
N LEU A 113 18.85 -14.84 -8.66
CA LEU A 113 17.99 -15.59 -9.57
C LEU A 113 16.59 -15.06 -9.36
N SER A 114 15.70 -15.31 -10.32
CA SER A 114 14.33 -14.83 -10.19
C SER A 114 13.30 -15.78 -10.81
N ALA A 115 12.04 -15.50 -10.49
CA ALA A 115 10.90 -16.20 -11.06
C ALA A 115 9.79 -15.18 -11.28
N LEU A 116 9.14 -15.29 -12.42
CA LEU A 116 8.01 -14.43 -12.75
C LEU A 116 6.75 -15.26 -12.82
N VAL A 117 5.68 -14.80 -12.19
CA VAL A 117 4.38 -15.43 -12.35
C VAL A 117 3.33 -14.38 -12.73
N LEU A 118 2.43 -14.78 -13.61
CA LEU A 118 1.28 -13.95 -13.96
C LEU A 118 0.28 -13.99 -12.81
N GLY A 119 -0.19 -12.82 -12.41
CA GLY A 119 -1.12 -12.72 -11.27
C GLY A 119 -2.48 -13.35 -11.49
N ASP A 120 -2.80 -13.71 -12.73
CA ASP A 120 -4.08 -14.37 -13.03
C ASP A 120 -3.92 -15.85 -13.45
N ASN A 121 -2.77 -16.44 -13.15
CA ASN A 121 -2.54 -17.86 -13.50
C ASN A 121 -2.70 -18.77 -12.28
N LEU A 122 -3.50 -19.83 -12.44
CA LEU A 122 -3.80 -20.75 -11.36
C LEU A 122 -3.37 -22.14 -11.81
N TYR A 123 -2.66 -22.85 -10.94
CA TYR A 123 -2.21 -24.19 -11.23
C TYR A 123 -2.74 -25.10 -10.15
N TYR A 124 -3.10 -26.32 -10.53
CA TYR A 124 -3.46 -27.35 -9.57
C TYR A 124 -2.88 -28.70 -10.00
N GLY A 125 -2.38 -29.48 -9.04
CA GLY A 125 -1.98 -30.84 -9.34
C GLY A 125 -1.02 -31.47 -8.37
N HIS A 126 -0.65 -32.70 -8.67
CA HIS A 126 0.06 -33.53 -7.72
C HIS A 126 1.54 -33.30 -7.80
N ASP A 127 2.19 -33.24 -6.63
CA ASP A 127 3.63 -33.04 -6.54
C ASP A 127 4.02 -31.75 -7.27
N PHE A 128 3.15 -30.75 -7.16
CA PHE A 128 3.39 -29.44 -7.76
C PHE A 128 4.58 -28.84 -7.03
N HIS A 129 4.53 -28.96 -5.70
CA HIS A 129 5.66 -28.64 -4.82
C HIS A 129 6.97 -29.17 -5.36
N GLU A 130 7.01 -30.45 -5.71
CA GLU A 130 8.22 -31.09 -6.24
C GLU A 130 8.58 -30.60 -7.65
N LEU A 131 7.57 -30.43 -8.50
CA LEU A 131 7.76 -29.93 -9.87
C LEU A 131 8.34 -28.52 -9.88
N LEU A 132 7.94 -27.69 -8.91
CA LEU A 132 8.43 -26.31 -8.76
C LEU A 132 9.81 -26.27 -8.08
N GLY A 133 9.92 -27.00 -6.97
CA GLY A 133 11.19 -27.12 -6.24
C GLY A 133 12.29 -27.50 -7.20
N SER A 134 12.00 -28.41 -8.12
CA SER A 134 12.96 -28.81 -9.14
C SER A 134 13.50 -27.63 -9.92
N ALA A 135 12.60 -26.92 -10.63
CA ALA A 135 13.00 -25.84 -11.54
C ALA A 135 13.74 -24.73 -10.80
N SER A 136 13.35 -24.48 -9.55
CA SER A 136 13.97 -23.45 -8.73
C SER A 136 15.44 -23.78 -8.45
N GLN A 137 15.76 -25.06 -8.31
CA GLN A 137 17.13 -25.50 -7.98
C GLN A 137 18.07 -25.46 -9.18
N ARG A 138 17.53 -25.52 -10.40
CA ARG A 138 18.32 -25.29 -11.62
C ARG A 138 18.69 -23.82 -11.68
N GLN A 139 19.94 -23.51 -11.37
CA GLN A 139 20.37 -22.14 -11.16
C GLN A 139 20.65 -21.35 -12.43
N THR A 140 21.23 -22.01 -13.43
CA THR A 140 21.61 -21.33 -14.67
C THR A 140 20.61 -21.59 -15.79
N GLY A 141 20.53 -20.63 -16.70
CA GLY A 141 19.59 -20.66 -17.81
C GLY A 141 18.19 -20.27 -17.36
N ALA A 142 17.20 -20.62 -18.19
CA ALA A 142 15.79 -20.35 -17.89
C ALA A 142 14.98 -21.64 -17.89
N SER A 143 13.93 -21.67 -17.08
CA SER A 143 13.00 -22.80 -17.07
C SER A 143 11.58 -22.32 -17.27
N VAL A 144 10.89 -22.94 -18.22
CA VAL A 144 9.47 -22.74 -18.46
C VAL A 144 8.75 -24.09 -18.52
N PHE A 145 7.42 -24.03 -18.62
CA PHE A 145 6.58 -25.21 -18.65
C PHE A 145 5.64 -25.11 -19.83
N ALA A 146 5.50 -26.21 -20.56
CA ALA A 146 4.60 -26.29 -21.70
C ALA A 146 3.40 -27.17 -21.35
N TYR A 147 2.22 -26.75 -21.80
CA TYR A 147 0.97 -27.41 -21.45
C TYR A 147 0.05 -27.51 -22.66
N HIS A 148 -0.44 -28.70 -22.94
CA HIS A 148 -1.34 -28.92 -24.06
C HIS A 148 -2.64 -28.17 -23.88
N VAL A 149 -2.97 -27.28 -24.80
CA VAL A 149 -4.24 -26.51 -24.73
C VAL A 149 -5.06 -26.66 -26.02
N LEU A 150 -6.32 -26.27 -25.95
CA LEU A 150 -7.24 -26.32 -27.08
C LEU A 150 -6.91 -25.20 -28.08
N ASP A 151 -6.43 -24.05 -27.59
CA ASP A 151 -6.28 -22.83 -28.40
C ASP A 151 -4.87 -22.24 -28.25
N PRO A 152 -3.87 -22.94 -28.79
CA PRO A 152 -2.48 -22.53 -28.60
C PRO A 152 -2.17 -21.18 -29.23
N GLU A 153 -2.97 -20.80 -30.23
CA GLU A 153 -2.85 -19.53 -30.95
C GLU A 153 -3.05 -18.29 -30.06
N ARG A 154 -3.56 -18.49 -28.84
CA ARG A 154 -3.67 -17.40 -27.87
C ARG A 154 -2.40 -17.22 -27.05
N TYR A 155 -1.44 -18.12 -27.22
CA TYR A 155 -0.28 -18.17 -26.35
C TYR A 155 1.06 -18.17 -27.07
N GLY A 156 2.12 -18.04 -26.28
CA GLY A 156 3.44 -18.44 -26.72
C GLY A 156 3.42 -19.94 -26.95
N VAL A 157 3.87 -20.39 -28.12
CA VAL A 157 3.77 -21.79 -28.50
C VAL A 157 5.14 -22.40 -28.73
N VAL A 158 5.37 -23.60 -28.16
CA VAL A 158 6.66 -24.26 -28.31
C VAL A 158 6.58 -25.40 -29.33
N GLU A 159 7.59 -25.47 -30.18
CA GLU A 159 7.69 -26.52 -31.19
C GLU A 159 8.79 -27.47 -30.74
N PHE A 160 8.55 -28.76 -30.93
CA PHE A 160 9.48 -29.79 -30.51
C PHE A 160 9.89 -30.61 -31.73
N ASP A 161 11.15 -31.06 -31.77
CA ASP A 161 11.55 -32.00 -32.82
C ASP A 161 11.06 -33.41 -32.47
N GLN A 162 11.34 -34.40 -33.32
CA GLN A 162 10.89 -35.77 -33.06
C GLN A 162 11.48 -36.37 -31.79
N GLY A 163 12.67 -35.91 -31.40
CA GLY A 163 13.28 -36.32 -30.14
C GLY A 163 12.67 -35.67 -28.91
N GLY A 164 11.78 -34.69 -29.12
CA GLY A 164 11.11 -34.01 -28.01
C GLY A 164 11.88 -32.81 -27.46
N LYS A 165 12.88 -32.36 -28.20
CA LYS A 165 13.63 -31.15 -27.82
C LYS A 165 12.93 -29.92 -28.36
N ALA A 166 12.76 -28.89 -27.53
CA ALA A 166 12.20 -27.61 -27.98
C ALA A 166 13.11 -26.99 -29.03
N ILE A 167 12.54 -26.58 -30.16
CA ILE A 167 13.34 -25.98 -31.23
C ILE A 167 12.89 -24.57 -31.63
N SER A 168 11.67 -24.18 -31.29
CA SER A 168 11.21 -22.83 -31.62
C SER A 168 10.09 -22.38 -30.70
N LEU A 169 9.98 -21.06 -30.54
CA LEU A 169 8.92 -20.40 -29.79
C LEU A 169 8.31 -19.36 -30.71
N GLU A 170 6.98 -19.34 -30.76
CA GLU A 170 6.27 -18.34 -31.52
C GLU A 170 5.19 -17.75 -30.64
N GLU A 171 5.04 -16.42 -30.70
CA GLU A 171 4.04 -15.72 -29.91
C GLU A 171 2.74 -15.60 -30.71
N LYS A 172 1.66 -16.15 -30.17
CA LYS A 172 0.35 -16.13 -30.81
C LYS A 172 0.38 -16.39 -32.33
N PRO A 173 0.93 -17.54 -32.75
CA PRO A 173 0.93 -17.92 -34.16
C PRO A 173 -0.48 -18.19 -34.71
N LEU A 174 -0.77 -17.75 -35.93
CA LEU A 174 -2.07 -18.05 -36.54
C LEU A 174 -2.17 -19.54 -36.86
N GLU A 175 -1.02 -20.16 -37.14
CA GLU A 175 -0.91 -21.60 -37.41
C GLU A 175 0.12 -22.24 -36.49
N PRO A 176 -0.31 -22.54 -35.24
CA PRO A 176 0.55 -23.13 -34.21
C PRO A 176 1.23 -24.41 -34.66
N LYS A 177 2.50 -24.55 -34.31
CA LYS A 177 3.28 -25.74 -34.66
C LYS A 177 2.96 -26.91 -33.73
N SER A 178 2.43 -26.60 -32.56
CA SER A 178 1.90 -27.62 -31.67
C SER A 178 0.75 -27.06 -30.86
N ASN A 179 0.22 -27.90 -29.98
CA ASN A 179 -0.78 -27.44 -29.04
C ASN A 179 -0.17 -27.12 -27.67
N TYR A 180 1.16 -27.02 -27.59
CA TYR A 180 1.85 -26.71 -26.33
C TYR A 180 2.08 -25.22 -26.09
N ALA A 181 1.30 -24.68 -25.16
CA ALA A 181 1.44 -23.29 -24.74
C ALA A 181 2.45 -23.19 -23.61
N VAL A 182 3.22 -22.12 -23.64
CA VAL A 182 4.04 -21.78 -22.49
C VAL A 182 3.15 -21.17 -21.40
N THR A 183 3.23 -21.74 -20.19
CA THR A 183 2.37 -21.30 -19.08
C THR A 183 2.94 -19.99 -18.51
N GLY A 184 2.22 -19.35 -17.59
CA GLY A 184 2.64 -18.05 -17.04
C GLY A 184 3.49 -18.17 -15.79
N LEU A 185 4.45 -19.08 -15.81
CA LEU A 185 5.41 -19.21 -14.72
C LEU A 185 6.75 -19.41 -15.34
N TYR A 186 7.70 -18.57 -14.95
CA TYR A 186 8.99 -18.50 -15.61
C TYR A 186 10.10 -18.37 -14.58
N PHE A 187 11.11 -19.23 -14.69
CA PHE A 187 12.29 -19.16 -13.84
C PHE A 187 13.52 -18.71 -14.64
N TYR A 188 14.22 -17.69 -14.11
CA TYR A 188 15.36 -17.05 -14.80
C TYR A 188 16.60 -16.93 -13.92
N ASP A 189 17.74 -16.89 -14.59
CA ASP A 189 19.00 -16.69 -13.92
C ASP A 189 19.33 -15.20 -13.96
N GLN A 190 20.60 -14.86 -13.73
CA GLN A 190 21.02 -13.47 -13.55
C GLN A 190 21.15 -12.71 -14.89
N GLN A 191 20.98 -13.40 -16.00
CA GLN A 191 21.03 -12.77 -17.34
C GLN A 191 19.76 -12.03 -17.76
N VAL A 192 18.65 -12.28 -17.09
CA VAL A 192 17.34 -11.89 -17.60
C VAL A 192 17.16 -10.36 -17.70
N VAL A 193 17.68 -9.59 -16.74
CA VAL A 193 17.47 -8.14 -16.77
C VAL A 193 18.19 -7.50 -17.98
N ASP A 194 19.41 -7.93 -18.27
CA ASP A 194 20.13 -7.43 -19.46
C ASP A 194 19.44 -7.79 -20.77
N ILE A 195 18.91 -9.02 -20.85
CA ILE A 195 18.12 -9.45 -22.01
C ILE A 195 16.88 -8.58 -22.18
N ALA A 196 16.15 -8.36 -21.08
CA ALA A 196 14.98 -7.47 -21.07
C ALA A 196 15.34 -6.04 -21.49
N ARG A 197 16.44 -5.51 -20.98
CA ARG A 197 16.86 -4.15 -21.30
C ARG A 197 17.11 -3.95 -22.80
N ASP A 198 17.56 -5.00 -23.48
CA ASP A 198 17.84 -4.97 -24.92
C ASP A 198 16.64 -5.30 -25.81
N LEU A 199 15.48 -5.58 -25.22
CA LEU A 199 14.28 -5.87 -26.01
C LEU A 199 13.78 -4.60 -26.67
N LYS A 200 13.37 -4.71 -27.93
CA LYS A 200 12.64 -3.64 -28.61
C LYS A 200 11.15 -4.04 -28.70
N PRO A 201 10.23 -3.08 -28.48
CA PRO A 201 8.80 -3.40 -28.51
C PRO A 201 8.35 -4.14 -29.77
N SER A 202 7.42 -5.08 -29.61
CA SER A 202 6.84 -5.81 -30.74
C SER A 202 5.91 -4.89 -31.54
N PRO A 203 5.37 -5.36 -32.68
CA PRO A 203 4.44 -4.53 -33.45
C PRO A 203 3.20 -4.07 -32.66
N ARG A 204 2.85 -4.79 -31.60
CA ARG A 204 1.72 -4.42 -30.73
C ARG A 204 2.13 -3.33 -29.72
N GLY A 205 3.43 -3.01 -29.69
CA GLY A 205 3.98 -1.98 -28.81
C GLY A 205 4.42 -2.50 -27.46
N GLU A 206 4.55 -3.81 -27.32
CA GLU A 206 4.80 -4.44 -26.03
C GLU A 206 6.14 -5.17 -25.97
N LEU A 207 6.72 -5.25 -24.77
CA LEU A 207 7.95 -5.99 -24.51
C LEU A 207 7.59 -7.44 -24.17
N GLU A 208 7.90 -8.33 -25.10
CA GLU A 208 7.38 -9.71 -25.09
C GLU A 208 8.24 -10.69 -24.29
N ILE A 209 7.61 -11.43 -23.38
CA ILE A 209 8.31 -12.49 -22.64
C ILE A 209 8.81 -13.60 -23.57
N THR A 210 8.10 -13.89 -24.64
CA THR A 210 8.53 -14.89 -25.61
C THR A 210 9.87 -14.53 -26.28
N ASP A 211 10.13 -13.23 -26.45
CA ASP A 211 11.44 -12.76 -26.92
C ASP A 211 12.53 -13.03 -25.88
N VAL A 212 12.22 -12.87 -24.58
CA VAL A 212 13.18 -13.22 -23.52
C VAL A 212 13.49 -14.71 -23.58
N ASN A 213 12.43 -15.50 -23.66
CA ASN A 213 12.57 -16.96 -23.70
C ASN A 213 13.27 -17.42 -24.96
N ARG A 214 13.03 -16.75 -26.09
CA ARG A 214 13.74 -17.13 -27.30
C ARG A 214 15.24 -16.85 -27.18
N ALA A 215 15.58 -15.77 -26.47
CA ALA A 215 16.98 -15.40 -26.22
C ALA A 215 17.72 -16.50 -25.48
N TYR A 216 17.09 -17.07 -24.45
CA TYR A 216 17.65 -18.24 -23.77
C TYR A 216 17.71 -19.46 -24.68
N LEU A 217 16.67 -19.66 -25.48
CA LEU A 217 16.64 -20.78 -26.43
C LEU A 217 17.81 -20.72 -27.41
N GLU A 218 18.07 -19.53 -27.96
CA GLU A 218 19.16 -19.37 -28.94
C GLU A 218 20.54 -19.63 -28.30
N ARG A 219 20.66 -19.32 -27.01
CA ARG A 219 21.87 -19.60 -26.22
C ARG A 219 22.00 -21.07 -25.75
N GLY A 220 21.01 -21.91 -26.02
CA GLY A 220 20.97 -23.28 -25.53
C GLY A 220 20.74 -23.40 -24.03
N GLN A 221 20.07 -22.42 -23.44
CA GLN A 221 19.88 -22.38 -21.98
C GLN A 221 18.40 -22.34 -21.57
N LEU A 222 17.51 -22.80 -22.44
CA LEU A 222 16.07 -22.87 -22.11
C LEU A 222 15.65 -24.31 -21.86
N SER A 223 15.26 -24.61 -20.63
CA SER A 223 14.62 -25.87 -20.28
C SER A 223 13.11 -25.70 -20.39
N VAL A 224 12.51 -26.57 -21.19
CA VAL A 224 11.06 -26.61 -21.33
C VAL A 224 10.58 -27.94 -20.81
N GLU A 225 9.95 -27.91 -19.64
CA GLU A 225 9.42 -29.13 -19.04
C GLU A 225 7.94 -29.24 -19.37
N ILE A 226 7.47 -30.45 -19.70
CA ILE A 226 6.06 -30.65 -19.93
C ILE A 226 5.33 -30.66 -18.59
N MET A 227 4.28 -29.84 -18.50
CA MET A 227 3.32 -29.94 -17.44
C MET A 227 2.21 -30.80 -18.01
N GLY A 228 2.13 -32.05 -17.54
CA GLY A 228 1.25 -33.03 -18.14
C GLY A 228 -0.23 -32.80 -17.93
N ARG A 229 -1.02 -33.63 -18.59
CA ARG A 229 -2.47 -33.48 -18.68
C ARG A 229 -3.17 -33.71 -17.33
N GLY A 230 -2.45 -34.29 -16.37
CA GLY A 230 -3.01 -34.52 -15.02
C GLY A 230 -2.89 -33.31 -14.10
N TYR A 231 -2.30 -32.23 -14.64
CA TYR A 231 -2.28 -30.91 -14.01
C TYR A 231 -3.34 -30.03 -14.65
N ALA A 232 -3.90 -29.14 -13.85
CA ALA A 232 -4.81 -28.15 -14.38
C ALA A 232 -4.10 -26.82 -14.37
N TRP A 233 -3.97 -26.22 -15.55
CA TRP A 233 -3.56 -24.84 -15.63
C TRP A 233 -4.75 -24.08 -16.16
N LEU A 234 -5.33 -23.26 -15.29
CA LEU A 234 -6.47 -22.43 -15.64
C LEU A 234 -5.92 -21.00 -15.70
N ASP A 235 -6.36 -20.26 -16.70
CA ASP A 235 -6.28 -18.81 -16.61
C ASP A 235 -7.68 -18.26 -16.75
N THR A 236 -7.77 -17.00 -16.44
CA THR A 236 -9.02 -16.37 -16.19
C THR A 236 -9.14 -15.31 -17.27
N GLY A 237 -8.94 -15.74 -18.52
CA GLY A 237 -8.96 -14.86 -19.68
C GLY A 237 -10.30 -14.24 -20.08
N THR A 238 -11.39 -14.96 -19.83
CA THR A 238 -12.74 -14.52 -20.20
C THR A 238 -13.65 -14.66 -18.97
N HIS A 239 -14.79 -13.99 -19.01
CA HIS A 239 -15.79 -14.18 -17.94
C HIS A 239 -16.16 -15.63 -17.83
N ASP A 240 -16.25 -16.31 -18.97
CA ASP A 240 -16.60 -17.74 -18.93
C ASP A 240 -15.53 -18.60 -18.25
N SER A 241 -14.27 -18.39 -18.57
CA SER A 241 -13.22 -19.20 -17.93
C SER A 241 -13.00 -18.84 -16.45
N LEU A 242 -13.24 -17.58 -16.10
CA LEU A 242 -13.20 -17.14 -14.70
C LEU A 242 -14.30 -17.91 -13.90
N LEU A 243 -15.49 -18.04 -14.49
CA LEU A 243 -16.54 -18.83 -13.84
C LEU A 243 -16.14 -20.30 -13.70
N GLU A 244 -15.52 -20.84 -14.74
CA GLU A 244 -15.08 -22.24 -14.70
C GLU A 244 -14.01 -22.46 -13.64
N ALA A 245 -13.09 -21.51 -13.51
CA ALA A 245 -12.02 -21.59 -12.51
C ALA A 245 -12.62 -21.62 -11.10
N GLY A 246 -13.60 -20.74 -10.87
CA GLY A 246 -14.31 -20.76 -9.57
C GLY A 246 -14.99 -22.09 -9.26
N GLN A 247 -15.70 -22.66 -10.23
CA GLN A 247 -16.42 -23.92 -10.05
CA GLN A 247 -16.43 -23.91 -10.03
C GLN A 247 -15.44 -25.06 -9.80
N PHE A 248 -14.31 -25.02 -10.49
CA PHE A 248 -13.25 -26.02 -10.38
C PHE A 248 -12.70 -26.08 -8.96
N ILE A 249 -12.32 -24.91 -8.46
CA ILE A 249 -11.77 -24.80 -7.12
C ILE A 249 -12.83 -25.20 -6.10
N ALA A 250 -14.06 -24.75 -6.29
CA ALA A 250 -15.15 -25.08 -5.33
C ALA A 250 -15.41 -26.60 -5.26
N THR A 251 -15.43 -27.27 -6.40
CA THR A 251 -15.58 -28.72 -6.46
C THR A 251 -14.46 -29.50 -5.70
N LEU A 252 -13.21 -29.12 -5.95
CA LEU A 252 -12.07 -29.70 -5.21
C LEU A 252 -12.16 -29.44 -3.72
N GLU A 253 -12.33 -28.19 -3.34
CA GLU A 253 -12.32 -27.85 -1.92
C GLU A 253 -13.48 -28.48 -1.13
N ASN A 254 -14.68 -28.44 -1.69
CA ASN A 254 -15.85 -29.01 -1.03
C ASN A 254 -15.82 -30.55 -0.99
N ARG A 255 -15.13 -31.16 -1.93
CA ARG A 255 -14.91 -32.59 -1.93
C ARG A 255 -13.92 -32.97 -0.81
N GLN A 256 -12.80 -32.29 -0.78
CA GLN A 256 -11.64 -32.69 0.03
C GLN A 256 -11.66 -32.14 1.43
N GLY A 257 -12.33 -31.01 1.63
CA GLY A 257 -12.18 -30.23 2.87
C GLY A 257 -10.79 -29.70 3.08
N LEU A 258 -10.09 -29.47 1.97
CA LEU A 258 -8.77 -28.88 1.93
C LEU A 258 -8.83 -27.78 0.89
N LYS A 259 -8.15 -26.68 1.17
CA LYS A 259 -8.14 -25.55 0.25
C LYS A 259 -6.99 -25.64 -0.74
N VAL A 260 -7.22 -25.09 -1.93
CA VAL A 260 -6.16 -24.84 -2.90
C VAL A 260 -5.68 -23.40 -2.71
N ALA A 261 -4.37 -23.23 -2.56
CA ALA A 261 -3.75 -21.92 -2.51
C ALA A 261 -4.16 -21.10 -1.28
N CYS A 262 -4.16 -21.73 -0.11
CA CYS A 262 -4.32 -21.01 1.14
C CYS A 262 -2.89 -20.63 1.59
N PRO A 263 -2.53 -19.34 1.51
CA PRO A 263 -1.14 -18.98 1.86
C PRO A 263 -0.75 -19.25 3.32
N GLU A 264 -1.69 -19.04 4.25
CA GLU A 264 -1.41 -19.30 5.66
C GLU A 264 -1.01 -20.75 5.83
N GLU A 265 -1.75 -21.63 5.14
CA GLU A 265 -1.49 -23.07 5.22
C GLU A 265 -0.14 -23.42 4.66
N ILE A 266 0.19 -22.85 3.48
CA ILE A 266 1.41 -23.20 2.81
C ILE A 266 2.60 -22.71 3.65
N ALA A 267 2.50 -21.51 4.19
CA ALA A 267 3.56 -20.98 5.06
C ALA A 267 3.77 -21.88 6.30
N TYR A 268 2.67 -22.30 6.92
CA TYR A 268 2.70 -23.23 8.06
C TYR A 268 3.38 -24.57 7.71
N ARG A 269 3.03 -25.13 6.54
CA ARG A 269 3.63 -26.41 6.10
C ARG A 269 5.09 -26.29 5.69
N GLN A 270 5.50 -25.09 5.29
CA GLN A 270 6.88 -24.78 4.91
C GLN A 270 7.75 -24.41 6.11
N LYS A 271 7.14 -24.32 7.30
CA LYS A 271 7.82 -23.94 8.55
C LYS A 271 8.19 -22.45 8.57
N TRP A 272 7.54 -21.65 7.74
CA TRP A 272 7.80 -20.21 7.71
C TRP A 272 7.04 -19.49 8.78
N ILE A 273 5.96 -20.10 9.25
CA ILE A 273 5.25 -19.61 10.44
C ILE A 273 4.97 -20.82 11.33
N ASP A 274 4.88 -20.59 12.65
CA ASP A 274 4.62 -21.68 13.60
C ASP A 274 3.15 -21.76 13.98
N ALA A 275 2.80 -22.79 14.76
CA ALA A 275 1.43 -22.99 15.27
C ALA A 275 0.84 -21.76 15.95
N ALA A 276 1.63 -21.11 16.81
CA ALA A 276 1.15 -19.93 17.54
C ALA A 276 0.81 -18.79 16.59
N GLN A 277 1.67 -18.53 15.60
CA GLN A 277 1.39 -17.51 14.60
C GLN A 277 0.14 -17.86 13.77
N LEU A 278 0.02 -19.11 13.35
CA LEU A 278 -1.15 -19.55 12.61
C LEU A 278 -2.43 -19.34 13.44
N GLU A 279 -2.35 -19.62 14.73
CA GLU A 279 -3.49 -19.42 15.66
C GLU A 279 -3.93 -17.95 15.68
N LYS A 280 -2.96 -17.04 15.68
CA LYS A 280 -3.24 -15.61 15.65
C LYS A 280 -3.93 -15.19 14.35
N LEU A 281 -3.48 -15.74 13.22
CA LEU A 281 -4.10 -15.44 11.92
C LEU A 281 -5.54 -15.95 11.83
N ALA A 282 -5.85 -17.00 12.57
CA ALA A 282 -7.20 -17.59 12.57
C ALA A 282 -8.20 -16.80 13.42
N ALA A 283 -7.72 -16.14 14.47
CA ALA A 283 -8.61 -15.43 15.42
C ALA A 283 -9.59 -14.43 14.77
N PRO A 284 -9.09 -13.53 13.90
CA PRO A 284 -9.95 -12.52 13.26
C PRO A 284 -10.94 -13.07 12.23
N LEU A 285 -10.63 -14.20 11.62
CA LEU A 285 -11.51 -14.84 10.65
C LEU A 285 -12.33 -15.99 11.28
N ALA A 286 -12.33 -16.07 12.61
CA ALA A 286 -12.87 -17.22 13.32
C ALA A 286 -14.36 -17.52 13.05
N LYS A 287 -15.14 -16.50 12.73
CA LYS A 287 -16.58 -16.68 12.49
C LYS A 287 -16.93 -17.25 11.12
N ASN A 288 -16.00 -17.18 10.16
CA ASN A 288 -16.25 -17.75 8.82
C ASN A 288 -15.47 -19.05 8.60
N GLY A 289 -15.80 -19.72 7.50
CA GLY A 289 -15.19 -20.99 7.13
C GLY A 289 -13.70 -20.91 6.92
N TYR A 290 -13.19 -19.74 6.53
CA TYR A 290 -11.76 -19.58 6.27
C TYR A 290 -10.97 -19.66 7.59
N GLY A 291 -11.35 -18.85 8.56
CA GLY A 291 -10.72 -18.90 9.87
C GLY A 291 -10.88 -20.25 10.54
N GLN A 292 -12.01 -20.91 10.30
CA GLN A 292 -12.29 -22.23 10.89
C GLN A 292 -11.36 -23.28 10.29
N TYR A 293 -11.12 -23.14 8.98
CA TYR A 293 -10.18 -24.01 8.30
C TYR A 293 -8.79 -23.87 8.88
N LEU A 294 -8.33 -22.63 9.07
CA LEU A 294 -6.99 -22.38 9.65
C LEU A 294 -6.84 -23.02 11.03
N LYS A 295 -7.90 -22.94 11.82
CA LYS A 295 -7.94 -23.53 13.17
C LYS A 295 -7.77 -25.04 13.11
N ARG A 296 -8.56 -25.69 12.25
CA ARG A 296 -8.52 -27.14 12.07
C ARG A 296 -7.14 -27.66 11.67
N LEU A 297 -6.41 -26.88 10.86
CA LEU A 297 -5.03 -27.19 10.46
C LEU A 297 -4.07 -27.44 11.62
N LEU A 298 -4.30 -26.78 12.75
CA LEU A 298 -3.43 -26.95 13.94
C LEU A 298 -3.61 -28.31 14.61
N THR A 299 -4.76 -28.94 14.40
CA THR A 299 -5.13 -30.15 15.13
C THR A 299 -5.28 -31.38 14.22
N GLU A 300 -4.73 -31.32 13.00
CA GLU A 300 -4.89 -32.40 12.03
C GLU A 300 -3.60 -32.70 11.27
N THR A 301 -3.32 -33.97 11.06
CA THR A 301 -2.23 -34.40 10.20
C THR A 301 -2.76 -34.59 8.78
N VAL A 302 -2.22 -33.82 7.83
CA VAL A 302 -2.60 -33.95 6.42
C VAL A 302 -1.38 -34.42 5.64
N TYR A 303 -1.49 -35.56 4.98
CA TYR A 303 -0.38 -36.13 4.22
C TYR A 303 -0.33 -35.52 2.81
N MET B 11 -47.16 11.56 -7.93
CA MET B 11 -45.88 11.84 -7.21
C MET B 11 -44.72 11.06 -7.81
N LYS B 12 -43.51 11.59 -7.63
CA LYS B 12 -42.34 10.85 -8.07
C LYS B 12 -41.79 9.99 -6.96
N ARG B 13 -41.18 8.88 -7.38
CA ARG B 13 -40.57 7.92 -6.49
C ARG B 13 -39.06 7.96 -6.72
N LYS B 14 -38.34 8.14 -5.62
CA LYS B 14 -36.88 8.15 -5.63
C LYS B 14 -36.42 6.75 -5.22
N GLY B 15 -35.22 6.37 -5.62
CA GLY B 15 -34.72 5.04 -5.29
C GLY B 15 -33.46 5.11 -4.46
N ILE B 16 -33.24 4.10 -3.62
CA ILE B 16 -32.02 3.98 -2.81
C ILE B 16 -31.47 2.57 -2.99
N ILE B 17 -30.16 2.48 -3.27
CA ILE B 17 -29.48 1.19 -3.28
C ILE B 17 -28.57 1.16 -2.08
N LEU B 18 -28.79 0.19 -1.20
CA LEU B 18 -27.94 0.02 -0.03
C LEU B 18 -26.89 -1.04 -0.37
N ALA B 19 -25.66 -0.57 -0.50
CA ALA B 19 -24.54 -1.42 -0.89
C ALA B 19 -23.45 -1.33 0.17
N GLY B 20 -23.82 -1.66 1.41
CA GLY B 20 -22.93 -1.55 2.55
C GLY B 20 -22.21 -2.84 2.87
N GLY B 21 -21.57 -2.88 4.05
CA GLY B 21 -20.63 -3.95 4.38
C GLY B 21 -21.25 -5.29 4.75
N SER B 22 -20.67 -6.39 4.23
CA SER B 22 -21.06 -7.76 4.62
C SER B 22 -20.18 -8.31 5.75
N GLY B 23 -19.52 -7.42 6.48
CA GLY B 23 -18.66 -7.81 7.60
C GLY B 23 -17.41 -8.55 7.17
N THR B 24 -17.10 -9.63 7.90
CA THR B 24 -15.98 -10.51 7.56
C THR B 24 -16.49 -11.82 6.97
N ARG B 25 -17.79 -11.85 6.62
CA ARG B 25 -18.46 -13.10 6.27
C ARG B 25 -17.87 -13.80 5.02
N LEU B 26 -17.49 -13.03 4.01
CA LEU B 26 -16.90 -13.59 2.78
C LEU B 26 -15.38 -13.32 2.67
N HIS B 27 -14.74 -12.96 3.77
CA HIS B 27 -13.30 -12.74 3.78
C HIS B 27 -12.61 -14.06 3.58
N PRO B 28 -11.46 -14.08 2.86
CA PRO B 28 -10.71 -12.95 2.32
C PRO B 28 -11.11 -12.48 0.93
N ALA B 29 -12.14 -13.08 0.32
CA ALA B 29 -12.55 -12.66 -1.03
C ALA B 29 -12.91 -11.18 -1.06
N THR B 30 -13.58 -10.71 0.00
CA THR B 30 -14.05 -9.33 0.07
C THR B 30 -13.20 -8.44 0.98
N LEU B 31 -12.01 -8.90 1.39
CA LEU B 31 -11.13 -8.09 2.23
C LEU B 31 -10.74 -6.80 1.50
N ALA B 32 -10.33 -6.95 0.24
CA ALA B 32 -9.84 -5.83 -0.57
C ALA B 32 -10.93 -4.84 -0.98
N ILE B 33 -12.14 -5.34 -1.23
CA ILE B 33 -13.20 -4.54 -1.85
C ILE B 33 -14.59 -5.10 -1.52
N SER B 34 -15.58 -4.22 -1.48
CA SER B 34 -16.92 -4.62 -1.08
C SER B 34 -17.53 -5.57 -2.11
N LYS B 35 -18.40 -6.43 -1.62
CA LYS B 35 -19.07 -7.43 -2.41
C LYS B 35 -19.81 -6.86 -3.62
N GLN B 36 -20.48 -5.72 -3.47
CA GLN B 36 -21.34 -5.20 -4.55
C GLN B 36 -20.55 -4.55 -5.70
N LEU B 37 -19.23 -4.46 -5.55
CA LEU B 37 -18.33 -4.04 -6.65
C LEU B 37 -17.77 -5.22 -7.42
N LEU B 38 -17.96 -6.43 -6.90
CA LEU B 38 -17.49 -7.63 -7.56
C LEU B 38 -18.45 -8.02 -8.68
N PRO B 39 -17.95 -8.80 -9.66
CA PRO B 39 -18.81 -9.20 -10.77
C PRO B 39 -19.71 -10.40 -10.51
N VAL B 40 -20.91 -10.35 -11.09
CA VAL B 40 -21.70 -11.53 -11.29
C VAL B 40 -21.61 -11.74 -12.80
N TYR B 41 -20.90 -12.80 -13.17
CA TYR B 41 -20.55 -13.09 -14.55
C TYR B 41 -19.81 -11.93 -15.24
N ASP B 42 -20.51 -11.03 -15.90
CA ASP B 42 -19.87 -10.07 -16.81
C ASP B 42 -20.00 -8.62 -16.42
N LYS B 43 -20.68 -8.34 -15.31
CA LYS B 43 -20.89 -6.99 -14.88
C LYS B 43 -20.86 -6.89 -13.35
N PRO B 44 -20.55 -5.71 -12.83
CA PRO B 44 -20.50 -5.50 -11.39
C PRO B 44 -21.83 -5.79 -10.77
N MET B 45 -21.80 -6.43 -9.59
CA MET B 45 -23.01 -6.85 -8.91
C MET B 45 -24.08 -5.76 -8.82
N ILE B 46 -23.65 -4.52 -8.67
CA ILE B 46 -24.56 -3.41 -8.44
C ILE B 46 -25.36 -2.97 -9.69
N TYR B 47 -24.86 -3.33 -10.88
CA TYR B 47 -25.67 -3.15 -12.09
C TYR B 47 -27.02 -3.84 -11.97
N TYR B 48 -27.09 -4.94 -11.23
CA TYR B 48 -28.33 -5.74 -11.16
C TYR B 48 -29.47 -5.06 -10.37
N PRO B 49 -29.18 -4.55 -9.15
CA PRO B 49 -30.23 -3.80 -8.43
C PRO B 49 -30.54 -2.44 -9.06
N LEU B 50 -29.52 -1.75 -9.56
CA LEU B 50 -29.71 -0.53 -10.33
C LEU B 50 -30.68 -0.77 -11.48
N SER B 51 -30.44 -1.85 -12.23
CA SER B 51 -31.34 -2.24 -13.31
C SER B 51 -32.76 -2.50 -12.80
N THR B 52 -32.89 -3.15 -11.65
CA THR B 52 -34.21 -3.34 -11.03
C THR B 52 -34.96 -2.02 -10.77
N LEU B 53 -34.27 -1.03 -10.21
CA LEU B 53 -34.85 0.30 -10.01
C LEU B 53 -35.25 0.96 -11.32
N MET B 54 -34.36 0.89 -12.32
CA MET B 54 -34.62 1.48 -13.63
C MET B 54 -35.85 0.85 -14.28
N LEU B 55 -36.00 -0.47 -14.13
CA LEU B 55 -37.17 -1.18 -14.66
C LEU B 55 -38.45 -0.80 -13.92
N ALA B 56 -38.35 -0.40 -12.66
CA ALA B 56 -39.49 0.18 -11.95
C ALA B 56 -39.73 1.64 -12.34
N GLY B 57 -38.94 2.14 -13.30
CA GLY B 57 -39.07 3.51 -13.82
C GLY B 57 -38.42 4.57 -12.96
N ILE B 58 -37.48 4.17 -12.09
CA ILE B 58 -36.84 5.11 -11.18
C ILE B 58 -35.52 5.61 -11.77
N ARG B 59 -35.34 6.92 -11.75
CA ARG B 59 -34.18 7.57 -12.39
C ARG B 59 -33.34 8.39 -11.42
N GLU B 60 -33.95 8.85 -10.33
CA GLU B 60 -33.25 9.58 -9.28
C GLU B 60 -32.93 8.58 -8.18
N ILE B 61 -31.64 8.29 -8.01
CA ILE B 61 -31.22 7.17 -7.19
C ILE B 61 -30.05 7.59 -6.30
N LEU B 62 -30.14 7.22 -5.03
CA LEU B 62 -29.08 7.43 -4.05
C LEU B 62 -28.38 6.11 -3.78
N ILE B 63 -27.05 6.11 -3.89
CA ILE B 63 -26.26 4.92 -3.64
C ILE B 63 -25.55 5.08 -2.29
N ILE B 64 -25.87 4.19 -1.35
CA ILE B 64 -25.28 4.21 -0.03
C ILE B 64 -24.30 3.05 0.10
N SER B 65 -23.07 3.33 0.52
CA SER B 65 -22.09 2.28 0.74
C SER B 65 -21.20 2.68 1.91
N THR B 66 -20.15 1.88 2.14
CA THR B 66 -19.24 2.10 3.25
C THR B 66 -18.41 3.34 2.97
N PRO B 67 -17.81 3.93 4.02
CA PRO B 67 -16.92 5.08 3.78
C PRO B 67 -15.83 4.81 2.76
N GLN B 68 -15.18 3.65 2.86
CA GLN B 68 -14.08 3.32 1.98
C GLN B 68 -14.49 3.19 0.51
N ASP B 69 -15.66 2.62 0.25
CA ASP B 69 -16.00 2.25 -1.11
C ASP B 69 -16.96 3.19 -1.84
N THR B 70 -17.60 4.13 -1.14
CA THR B 70 -18.48 5.11 -1.78
C THR B 70 -17.78 5.87 -2.92
N PRO B 71 -16.56 6.40 -2.66
CA PRO B 71 -15.79 6.98 -3.74
C PRO B 71 -15.61 6.09 -4.97
N ARG B 72 -15.57 4.78 -4.78
CA ARG B 72 -15.36 3.85 -5.88
C ARG B 72 -16.65 3.51 -6.62
N PHE B 73 -17.78 3.54 -5.91
CA PHE B 73 -19.08 3.53 -6.60
C PHE B 73 -19.26 4.82 -7.40
N GLN B 74 -18.81 5.95 -6.86
CA GLN B 74 -18.81 7.24 -7.56
C GLN B 74 -17.97 7.21 -8.84
N GLN B 75 -16.81 6.59 -8.75
CA GLN B 75 -15.92 6.40 -9.91
C GLN B 75 -16.60 5.53 -10.96
N LEU B 76 -17.20 4.42 -10.55
CA LEU B 76 -17.84 3.49 -11.47
C LEU B 76 -19.03 4.11 -12.19
N LEU B 77 -19.93 4.74 -11.43
CA LEU B 77 -21.25 5.12 -11.96
C LEU B 77 -21.45 6.58 -12.33
N GLY B 78 -20.57 7.47 -11.86
CA GLY B 78 -20.67 8.91 -12.13
C GLY B 78 -21.94 9.53 -11.57
N ASP B 79 -22.33 10.68 -12.10
CA ASP B 79 -23.61 11.31 -11.71
C ASP B 79 -24.83 10.72 -12.43
N GLY B 80 -24.61 9.70 -13.28
CA GLY B 80 -25.69 9.00 -13.98
C GLY B 80 -26.17 9.63 -15.28
N SER B 81 -25.70 10.84 -15.58
CA SER B 81 -26.20 11.60 -16.73
C SER B 81 -25.94 10.88 -18.07
N ASN B 82 -24.85 10.11 -18.15
CA ASN B 82 -24.57 9.27 -19.33
C ASN B 82 -25.66 8.24 -19.63
N TRP B 83 -26.43 7.85 -18.61
CA TRP B 83 -27.48 6.87 -18.73
C TRP B 83 -28.85 7.43 -18.46
N GLY B 84 -28.99 8.76 -18.52
CA GLY B 84 -30.28 9.41 -18.28
C GLY B 84 -30.80 9.22 -16.87
N LEU B 85 -29.88 9.05 -15.91
CA LEU B 85 -30.20 8.93 -14.49
C LEU B 85 -29.64 10.12 -13.73
N ASP B 86 -30.12 10.28 -12.49
CA ASP B 86 -29.63 11.31 -11.57
C ASP B 86 -29.14 10.61 -10.32
N LEU B 87 -27.83 10.32 -10.27
CA LEU B 87 -27.27 9.57 -9.15
C LEU B 87 -26.67 10.51 -8.09
N GLN B 88 -26.91 10.16 -6.84
CA GLN B 88 -26.27 10.81 -5.69
C GLN B 88 -25.70 9.72 -4.80
N TYR B 89 -24.78 10.09 -3.91
CA TYR B 89 -24.09 9.13 -3.04
C TYR B 89 -24.12 9.56 -1.59
N ALA B 90 -24.16 8.58 -0.71
CA ALA B 90 -24.09 8.84 0.71
C ALA B 90 -23.42 7.65 1.38
N VAL B 91 -22.97 7.84 2.61
CA VAL B 91 -22.25 6.81 3.34
C VAL B 91 -23.03 6.28 4.53
N GLN B 92 -22.85 4.99 4.79
CA GLN B 92 -23.28 4.35 6.03
C GLN B 92 -22.01 4.03 6.81
N PRO B 93 -21.67 4.86 7.82
CA PRO B 93 -20.39 4.67 8.54
C PRO B 93 -20.23 3.29 9.20
N SER B 94 -21.33 2.68 9.62
CA SER B 94 -21.30 1.36 10.24
C SER B 94 -22.54 0.53 9.84
N PRO B 95 -22.40 -0.80 9.73
CA PRO B 95 -23.52 -1.65 9.31
C PRO B 95 -24.59 -1.85 10.38
N ASP B 96 -25.30 -0.78 10.73
CA ASP B 96 -26.22 -0.78 11.86
C ASP B 96 -27.69 -1.01 11.49
N GLY B 97 -27.93 -1.59 10.31
CA GLY B 97 -29.26 -2.06 9.92
C GLY B 97 -29.73 -1.43 8.63
N LEU B 98 -30.54 -2.17 7.88
CA LEU B 98 -31.03 -1.69 6.59
C LEU B 98 -31.90 -0.43 6.74
N ALA B 99 -32.66 -0.34 7.84
CA ALA B 99 -33.54 0.81 8.08
C ALA B 99 -32.77 2.14 8.16
N GLN B 100 -31.47 2.07 8.42
CA GLN B 100 -30.62 3.26 8.40
C GLN B 100 -30.62 3.94 7.07
N ALA B 101 -30.95 3.22 5.99
CA ALA B 101 -31.09 3.81 4.67
C ALA B 101 -31.99 5.05 4.69
N PHE B 102 -33.08 4.99 5.45
CA PHE B 102 -34.04 6.08 5.43
C PHE B 102 -33.65 7.29 6.29
N LEU B 103 -32.75 7.07 7.25
CA LEU B 103 -32.15 8.19 8.01
C LEU B 103 -31.03 8.84 7.19
N ILE B 104 -30.13 8.01 6.65
CA ILE B 104 -29.07 8.48 5.76
C ILE B 104 -29.67 9.23 4.57
N GLY B 105 -30.74 8.66 3.97
CA GLY B 105 -31.36 9.22 2.78
C GLY B 105 -32.53 10.15 3.02
N GLU B 106 -32.70 10.63 4.25
CA GLU B 106 -33.86 11.45 4.60
C GLU B 106 -33.99 12.70 3.74
N SER B 107 -32.89 13.43 3.57
CA SER B 107 -32.93 14.68 2.78
C SER B 107 -33.05 14.36 1.29
N PHE B 108 -32.42 13.28 0.84
CA PHE B 108 -32.55 12.81 -0.54
C PHE B 108 -34.00 12.56 -0.89
N ILE B 109 -34.71 11.90 0.04
CA ILE B 109 -36.09 11.48 -0.20
C ILE B 109 -37.03 12.69 -0.21
N GLY B 110 -36.82 13.61 0.73
CA GLY B 110 -37.68 14.77 0.86
C GLY B 110 -39.12 14.36 1.14
N ASN B 111 -40.03 14.88 0.32
CA ASN B 111 -41.47 14.64 0.47
C ASN B 111 -41.97 13.66 -0.59
N ASP B 112 -41.05 12.88 -1.17
CA ASP B 112 -41.40 12.00 -2.27
C ASP B 112 -41.64 10.57 -1.82
N LEU B 113 -42.20 9.79 -2.74
CA LEU B 113 -42.29 8.36 -2.60
C LEU B 113 -40.89 7.76 -2.69
N SER B 114 -40.70 6.56 -2.15
CA SER B 114 -39.37 5.93 -2.26
C SER B 114 -39.40 4.44 -2.59
N ALA B 115 -38.22 3.91 -2.88
CA ALA B 115 -38.01 2.49 -3.03
C ALA B 115 -36.59 2.16 -2.64
N LEU B 116 -36.42 1.08 -1.89
CA LEU B 116 -35.12 0.61 -1.46
C LEU B 116 -34.80 -0.76 -2.04
N VAL B 117 -33.61 -0.91 -2.62
CA VAL B 117 -33.15 -2.22 -3.03
C VAL B 117 -31.78 -2.49 -2.42
N LEU B 118 -31.56 -3.74 -2.05
CA LEU B 118 -30.28 -4.15 -1.48
C LEU B 118 -29.31 -4.34 -2.64
N GLY B 119 -28.08 -3.90 -2.40
CA GLY B 119 -27.07 -3.82 -3.45
C GLY B 119 -26.59 -5.16 -3.97
N ASP B 120 -26.94 -6.24 -3.28
CA ASP B 120 -26.55 -7.61 -3.65
C ASP B 120 -27.72 -8.53 -4.06
N ASN B 121 -28.89 -7.96 -4.31
CA ASN B 121 -30.05 -8.73 -4.77
C ASN B 121 -30.20 -8.71 -6.28
N LEU B 122 -30.36 -9.90 -6.87
CA LEU B 122 -30.49 -10.09 -8.30
C LEU B 122 -31.85 -10.71 -8.59
N TYR B 123 -32.61 -10.08 -9.46
CA TYR B 123 -33.89 -10.61 -9.86
C TYR B 123 -33.92 -10.94 -11.35
N TYR B 124 -34.49 -12.08 -11.68
CA TYR B 124 -34.75 -12.43 -13.06
C TYR B 124 -36.18 -12.97 -13.22
N GLY B 125 -36.85 -12.55 -14.28
CA GLY B 125 -38.12 -13.12 -14.67
C GLY B 125 -38.91 -12.29 -15.67
N HIS B 126 -40.09 -12.78 -16.00
CA HIS B 126 -40.87 -12.19 -17.08
C HIS B 126 -41.80 -11.12 -16.57
N ASP B 127 -41.90 -10.02 -17.33
CA ASP B 127 -42.85 -8.95 -17.03
C ASP B 127 -42.48 -8.30 -15.69
N PHE B 128 -41.18 -8.09 -15.51
CA PHE B 128 -40.66 -7.49 -14.31
C PHE B 128 -41.01 -6.02 -14.35
N HIS B 129 -40.70 -5.43 -15.50
CA HIS B 129 -41.14 -4.09 -15.87
C HIS B 129 -42.57 -3.86 -15.43
N GLU B 130 -43.43 -4.84 -15.64
CA GLU B 130 -44.84 -4.78 -15.21
C GLU B 130 -45.06 -5.08 -13.71
N LEU B 131 -44.33 -6.05 -13.16
CA LEU B 131 -44.48 -6.40 -11.73
C LEU B 131 -44.03 -5.24 -10.82
N LEU B 132 -43.03 -4.49 -11.26
CA LEU B 132 -42.52 -3.33 -10.51
C LEU B 132 -43.42 -2.09 -10.69
N GLY B 133 -43.86 -1.85 -11.93
CA GLY B 133 -44.75 -0.72 -12.23
C GLY B 133 -46.01 -0.68 -11.38
N SER B 134 -46.55 -1.86 -11.07
CA SER B 134 -47.75 -1.98 -10.23
C SER B 134 -47.48 -1.77 -8.73
N ALA B 135 -46.25 -1.99 -8.28
CA ALA B 135 -45.87 -1.61 -6.93
C ALA B 135 -45.55 -0.12 -6.91
N SER B 136 -44.93 0.38 -7.97
CA SER B 136 -44.56 1.78 -8.11
C SER B 136 -45.78 2.71 -8.11
N GLN B 137 -46.93 2.21 -8.60
CA GLN B 137 -48.14 3.02 -8.77
C GLN B 137 -48.91 3.36 -7.48
N ARG B 138 -48.70 2.58 -6.43
CA ARG B 138 -49.37 2.84 -5.14
C ARG B 138 -48.81 4.11 -4.50
N GLN B 139 -49.67 5.13 -4.38
CA GLN B 139 -49.28 6.40 -3.76
C GLN B 139 -49.34 6.35 -2.23
N THR B 140 -49.95 5.30 -1.68
CA THR B 140 -50.07 5.13 -0.23
C THR B 140 -49.64 3.74 0.18
N GLY B 141 -49.16 3.64 1.42
CA GLY B 141 -48.76 2.37 2.00
C GLY B 141 -47.40 1.91 1.49
N ALA B 142 -47.08 0.66 1.80
CA ALA B 142 -45.81 0.04 1.43
C ALA B 142 -46.08 -1.21 0.63
N SER B 143 -45.18 -1.56 -0.28
CA SER B 143 -45.26 -2.85 -0.97
C SER B 143 -43.94 -3.62 -0.83
N VAL B 144 -44.05 -4.91 -0.52
CA VAL B 144 -42.91 -5.83 -0.55
C VAL B 144 -43.29 -7.12 -1.28
N PHE B 145 -42.27 -7.93 -1.54
CA PHE B 145 -42.44 -9.17 -2.27
C PHE B 145 -42.00 -10.33 -1.39
N ALA B 146 -42.83 -11.37 -1.31
CA ALA B 146 -42.48 -12.62 -0.62
C ALA B 146 -42.16 -13.71 -1.64
N TYR B 147 -41.18 -14.55 -1.29
CA TYR B 147 -40.62 -15.54 -2.20
C TYR B 147 -40.31 -16.81 -1.42
N HIS B 148 -40.76 -17.95 -1.92
CA HIS B 148 -40.55 -19.24 -1.29
C HIS B 148 -39.09 -19.61 -1.38
N VAL B 149 -38.47 -19.81 -0.21
CA VAL B 149 -37.06 -20.20 -0.15
C VAL B 149 -36.89 -21.46 0.68
N LEU B 150 -35.71 -22.07 0.59
CA LEU B 150 -35.39 -23.29 1.32
C LEU B 150 -34.99 -22.98 2.77
N ASP B 151 -34.45 -21.79 2.99
CA ASP B 151 -33.84 -21.44 4.28
C ASP B 151 -34.39 -20.13 4.80
N PRO B 152 -35.70 -20.10 5.12
CA PRO B 152 -36.37 -18.84 5.48
C PRO B 152 -35.79 -18.15 6.71
N GLU B 153 -35.19 -18.93 7.60
CA GLU B 153 -34.58 -18.41 8.84
C GLU B 153 -33.47 -17.37 8.62
N ARG B 154 -32.96 -17.29 7.39
CA ARG B 154 -31.96 -16.28 7.05
C ARG B 154 -32.55 -14.88 6.82
N TYR B 155 -33.89 -14.79 6.73
CA TYR B 155 -34.55 -13.61 6.21
C TYR B 155 -35.68 -13.08 7.09
N GLY B 156 -36.29 -12.00 6.64
CA GLY B 156 -37.59 -11.57 7.16
C GLY B 156 -38.63 -12.53 6.63
N VAL B 157 -39.40 -13.14 7.53
CA VAL B 157 -40.30 -14.22 7.18
C VAL B 157 -41.75 -13.79 7.36
N VAL B 158 -42.58 -14.01 6.35
CA VAL B 158 -43.96 -13.59 6.39
C VAL B 158 -44.88 -14.78 6.70
N GLU B 159 -45.82 -14.56 7.62
CA GLU B 159 -46.84 -15.57 7.92
C GLU B 159 -48.15 -15.14 7.29
N PHE B 160 -48.84 -16.10 6.68
CA PHE B 160 -50.15 -15.88 6.09
C PHE B 160 -51.20 -16.68 6.86
N ASP B 161 -52.43 -16.15 6.95
CA ASP B 161 -53.58 -16.92 7.46
C ASP B 161 -54.11 -17.86 6.36
N GLN B 162 -55.22 -18.54 6.64
CA GLN B 162 -55.75 -19.55 5.71
C GLN B 162 -56.26 -18.90 4.41
N GLY B 163 -56.69 -17.64 4.48
CA GLY B 163 -57.17 -16.91 3.31
C GLY B 163 -56.09 -16.18 2.50
N GLY B 164 -54.83 -16.42 2.83
CA GLY B 164 -53.70 -15.84 2.09
C GLY B 164 -53.33 -14.42 2.50
N LYS B 165 -53.79 -13.99 3.66
CA LYS B 165 -53.48 -12.65 4.15
C LYS B 165 -52.25 -12.66 5.05
N ALA B 166 -51.32 -11.74 4.79
CA ALA B 166 -50.14 -11.58 5.64
C ALA B 166 -50.58 -11.08 7.02
N ILE B 167 -50.28 -11.87 8.04
CA ILE B 167 -50.64 -11.50 9.40
C ILE B 167 -49.45 -11.25 10.34
N SER B 168 -48.24 -11.71 9.99
CA SER B 168 -47.05 -11.42 10.81
C SER B 168 -45.73 -11.44 10.02
N LEU B 169 -44.76 -10.70 10.54
CA LEU B 169 -43.38 -10.71 10.03
C LEU B 169 -42.45 -10.97 11.20
N GLU B 170 -41.51 -11.88 11.01
CA GLU B 170 -40.44 -12.11 11.99
C GLU B 170 -39.09 -12.06 11.28
N GLU B 171 -38.14 -11.34 11.87
CA GLU B 171 -36.82 -11.22 11.30
C GLU B 171 -35.96 -12.38 11.80
N LYS B 172 -35.46 -13.20 10.88
CA LYS B 172 -34.62 -14.34 11.20
C LYS B 172 -35.15 -15.17 12.37
N PRO B 173 -36.35 -15.73 12.22
CA PRO B 173 -36.89 -16.53 13.31
C PRO B 173 -36.14 -17.85 13.48
N LEU B 174 -36.01 -18.30 14.72
CA LEU B 174 -35.49 -19.66 14.98
C LEU B 174 -36.49 -20.73 14.53
N GLU B 175 -37.77 -20.39 14.47
CA GLU B 175 -38.82 -21.33 14.05
C GLU B 175 -39.75 -20.64 13.06
N PRO B 176 -39.31 -20.56 11.79
CA PRO B 176 -40.06 -19.83 10.77
C PRO B 176 -41.51 -20.32 10.66
N LYS B 177 -42.44 -19.39 10.45
CA LYS B 177 -43.87 -19.70 10.35
C LYS B 177 -44.23 -20.15 8.94
N SER B 178 -43.37 -19.83 7.98
CA SER B 178 -43.53 -20.28 6.61
C SER B 178 -42.17 -20.29 5.91
N ASN B 179 -42.16 -20.67 4.64
CA ASN B 179 -40.94 -20.61 3.80
C ASN B 179 -40.88 -19.37 2.91
N TYR B 180 -41.73 -18.38 3.24
CA TYR B 180 -41.81 -17.15 2.48
C TYR B 180 -40.97 -16.05 3.11
N ALA B 181 -39.88 -15.73 2.42
CA ALA B 181 -38.96 -14.68 2.79
C ALA B 181 -39.32 -13.38 2.08
N VAL B 182 -39.12 -12.26 2.75
CA VAL B 182 -39.30 -10.94 2.13
C VAL B 182 -38.05 -10.64 1.32
N THR B 183 -38.20 -10.28 0.05
CA THR B 183 -37.04 -10.02 -0.81
C THR B 183 -36.46 -8.66 -0.52
N GLY B 184 -35.32 -8.35 -1.12
CA GLY B 184 -34.64 -7.07 -0.85
C GLY B 184 -35.03 -5.96 -1.78
N LEU B 185 -36.34 -5.77 -1.95
CA LEU B 185 -36.87 -4.66 -2.75
C LEU B 185 -38.11 -4.19 -2.03
N TYR B 186 -38.15 -2.89 -1.73
CA TYR B 186 -39.20 -2.32 -0.90
C TYR B 186 -39.68 -1.00 -1.47
N PHE B 187 -41.00 -0.84 -1.59
CA PHE B 187 -41.63 0.39 -2.03
C PHE B 187 -42.34 1.06 -0.86
N TYR B 188 -42.12 2.36 -0.69
CA TYR B 188 -42.69 3.10 0.45
C TYR B 188 -43.31 4.41 0.04
N ASP B 189 -44.28 4.82 0.84
CA ASP B 189 -44.94 6.10 0.66
C ASP B 189 -44.20 7.15 1.49
N GLN B 190 -44.83 8.31 1.71
CA GLN B 190 -44.21 9.39 2.48
C GLN B 190 -44.04 9.14 3.98
N GLN B 191 -44.48 7.99 4.49
CA GLN B 191 -44.46 7.72 5.92
C GLN B 191 -43.18 7.09 6.42
N VAL B 192 -42.34 6.58 5.51
CA VAL B 192 -41.24 5.70 5.93
C VAL B 192 -40.13 6.42 6.72
N VAL B 193 -39.81 7.66 6.34
CA VAL B 193 -38.75 8.37 7.08
C VAL B 193 -39.17 8.55 8.53
N ASP B 194 -40.41 8.98 8.75
CA ASP B 194 -40.89 9.20 10.11
C ASP B 194 -40.94 7.91 10.92
N ILE B 195 -41.31 6.81 10.27
CA ILE B 195 -41.31 5.50 10.92
C ILE B 195 -39.88 5.06 11.29
N ALA B 196 -38.94 5.22 10.35
CA ALA B 196 -37.53 4.88 10.58
C ALA B 196 -36.93 5.73 11.71
N ARG B 197 -37.30 7.00 11.76
CA ARG B 197 -36.84 7.93 12.82
C ARG B 197 -37.23 7.49 14.24
N ASP B 198 -38.36 6.78 14.38
CA ASP B 198 -38.82 6.32 15.71
C ASP B 198 -38.39 4.89 16.04
N LEU B 199 -37.66 4.25 15.15
CA LEU B 199 -37.17 2.89 15.41
C LEU B 199 -36.15 2.85 16.53
N LYS B 200 -36.22 1.77 17.32
CA LYS B 200 -35.23 1.44 18.32
C LYS B 200 -34.39 0.28 17.80
N PRO B 201 -33.07 0.30 18.09
CA PRO B 201 -32.24 -0.85 17.74
C PRO B 201 -32.81 -2.16 18.28
N SER B 202 -32.72 -3.23 17.48
CA SER B 202 -33.23 -4.55 17.87
C SER B 202 -32.25 -5.22 18.86
N PRO B 203 -32.61 -6.40 19.40
CA PRO B 203 -31.67 -7.16 20.23
C PRO B 203 -30.29 -7.43 19.59
N ARG B 204 -30.21 -7.40 18.26
CA ARG B 204 -28.93 -7.52 17.55
C ARG B 204 -28.23 -6.18 17.27
N GLY B 205 -28.76 -5.10 17.84
CA GLY B 205 -28.17 -3.77 17.68
C GLY B 205 -28.32 -3.21 16.28
N GLU B 206 -29.49 -3.43 15.67
CA GLU B 206 -29.76 -2.98 14.31
C GLU B 206 -31.09 -2.25 14.22
N LEU B 207 -31.17 -1.31 13.28
CA LEU B 207 -32.43 -0.68 12.91
C LEU B 207 -32.99 -1.53 11.77
N GLU B 208 -34.11 -2.20 12.04
CA GLU B 208 -34.59 -3.31 11.21
C GLU B 208 -35.59 -2.87 10.17
N ILE B 209 -35.35 -3.27 8.93
CA ILE B 209 -36.32 -3.02 7.88
C ILE B 209 -37.63 -3.77 8.21
N THR B 210 -37.53 -4.92 8.86
CA THR B 210 -38.72 -5.68 9.23
C THR B 210 -39.60 -4.89 10.20
N ASP B 211 -38.98 -4.16 11.14
CA ASP B 211 -39.73 -3.26 12.01
C ASP B 211 -40.45 -2.20 11.23
N VAL B 212 -39.82 -1.64 10.21
CA VAL B 212 -40.51 -0.69 9.35
C VAL B 212 -41.72 -1.36 8.71
N ASN B 213 -41.50 -2.54 8.14
CA ASN B 213 -42.57 -3.25 7.43
C ASN B 213 -43.71 -3.68 8.35
N ARG B 214 -43.38 -4.06 9.59
CA ARG B 214 -44.42 -4.36 10.57
C ARG B 214 -45.27 -3.13 10.90
N ALA B 215 -44.66 -1.93 10.88
CA ALA B 215 -45.39 -0.70 11.17
C ALA B 215 -46.46 -0.44 10.15
N TYR B 216 -46.19 -0.73 8.87
CA TYR B 216 -47.20 -0.62 7.84
C TYR B 216 -48.23 -1.74 8.00
N LEU B 217 -47.77 -2.94 8.35
CA LEU B 217 -48.67 -4.09 8.50
C LEU B 217 -49.73 -3.81 9.58
N GLU B 218 -49.30 -3.27 10.71
CA GLU B 218 -50.22 -2.98 11.83
C GLU B 218 -51.35 -1.99 11.45
N ARG B 219 -51.09 -1.09 10.51
CA ARG B 219 -52.14 -0.18 9.99
C ARG B 219 -52.85 -0.73 8.75
N GLY B 220 -52.60 -1.99 8.40
CA GLY B 220 -53.20 -2.59 7.21
C GLY B 220 -52.71 -1.95 5.92
N GLN B 221 -51.49 -1.40 5.95
CA GLN B 221 -50.97 -0.66 4.81
C GLN B 221 -49.77 -1.36 4.13
N LEU B 222 -49.52 -2.62 4.50
CA LEU B 222 -48.47 -3.46 3.86
C LEU B 222 -49.08 -4.36 2.79
N SER B 223 -48.73 -4.13 1.54
CA SER B 223 -49.05 -5.04 0.45
C SER B 223 -47.92 -6.08 0.38
N VAL B 224 -48.26 -7.36 0.54
CA VAL B 224 -47.27 -8.43 0.38
C VAL B 224 -47.63 -9.19 -0.88
N GLU B 225 -46.98 -8.88 -1.99
CA GLU B 225 -47.20 -9.60 -3.24
C GLU B 225 -46.33 -10.85 -3.25
N ILE B 226 -46.86 -11.95 -3.78
CA ILE B 226 -46.05 -13.16 -3.93
C ILE B 226 -45.25 -13.01 -5.21
N MET B 227 -43.93 -13.17 -5.10
CA MET B 227 -43.09 -13.32 -6.26
C MET B 227 -43.04 -14.83 -6.55
N GLY B 228 -43.64 -15.24 -7.66
CA GLY B 228 -43.86 -16.65 -7.94
C GLY B 228 -42.58 -17.43 -8.22
N ARG B 229 -42.74 -18.75 -8.25
CA ARG B 229 -41.61 -19.68 -8.45
C ARG B 229 -40.96 -19.56 -9.84
N GLY B 230 -41.71 -18.98 -10.77
CA GLY B 230 -41.19 -18.69 -12.11
C GLY B 230 -40.32 -17.46 -12.20
N TYR B 231 -40.12 -16.77 -11.08
CA TYR B 231 -39.09 -15.75 -10.93
C TYR B 231 -37.90 -16.33 -10.18
N ALA B 232 -36.71 -15.82 -10.52
CA ALA B 232 -35.47 -16.11 -9.84
C ALA B 232 -35.05 -14.91 -9.00
N TRP B 233 -35.01 -15.13 -7.70
CA TRP B 233 -34.42 -14.16 -6.79
C TRP B 233 -33.16 -14.80 -6.30
N LEU B 234 -32.03 -14.16 -6.58
CA LEU B 234 -30.74 -14.63 -6.10
C LEU B 234 -30.13 -13.54 -5.22
N ASP B 235 -29.57 -13.95 -4.10
CA ASP B 235 -28.64 -13.07 -3.41
C ASP B 235 -27.29 -13.76 -3.40
N THR B 236 -26.28 -12.97 -3.09
CA THR B 236 -24.93 -13.42 -3.21
C THR B 236 -24.36 -13.53 -1.80
N GLY B 237 -25.01 -14.33 -0.97
CA GLY B 237 -24.68 -14.41 0.46
C GLY B 237 -23.52 -15.31 0.86
N THR B 238 -23.24 -16.32 0.03
CA THR B 238 -22.12 -17.24 0.24
C THR B 238 -21.27 -17.34 -1.03
N HIS B 239 -20.06 -17.88 -0.89
CA HIS B 239 -19.22 -18.10 -2.06
C HIS B 239 -19.91 -19.01 -3.03
N ASP B 240 -20.58 -20.04 -2.50
CA ASP B 240 -21.29 -21.02 -3.35
C ASP B 240 -22.41 -20.38 -4.16
N SER B 241 -23.29 -19.63 -3.48
CA SER B 241 -24.42 -18.98 -4.17
C SER B 241 -23.94 -17.92 -5.19
N LEU B 242 -22.84 -17.26 -4.87
CA LEU B 242 -22.20 -16.28 -5.77
C LEU B 242 -21.83 -16.90 -7.12
N LEU B 243 -21.22 -18.09 -7.04
CA LEU B 243 -20.88 -18.88 -8.21
C LEU B 243 -22.12 -19.34 -8.96
N GLU B 244 -23.16 -19.66 -8.20
CA GLU B 244 -24.45 -20.06 -8.80
C GLU B 244 -25.11 -18.89 -9.54
N ALA B 245 -25.00 -17.68 -9.00
CA ALA B 245 -25.60 -16.50 -9.65
C ALA B 245 -24.91 -16.19 -10.98
N GLY B 246 -23.58 -16.33 -11.00
CA GLY B 246 -22.79 -16.08 -12.23
C GLY B 246 -23.09 -17.07 -13.35
N GLN B 247 -23.16 -18.35 -12.98
CA GLN B 247 -23.48 -19.42 -13.91
CA GLN B 247 -23.46 -19.44 -13.93
C GLN B 247 -24.89 -19.30 -14.47
N PHE B 248 -25.80 -18.83 -13.64
CA PHE B 248 -27.19 -18.61 -14.02
C PHE B 248 -27.30 -17.50 -15.09
N ILE B 249 -26.65 -16.37 -14.84
CA ILE B 249 -26.65 -15.23 -15.75
C ILE B 249 -25.94 -15.61 -17.04
N ALA B 250 -24.81 -16.32 -16.93
CA ALA B 250 -24.06 -16.82 -18.09
C ALA B 250 -24.89 -17.74 -18.98
N THR B 251 -25.65 -18.63 -18.36
CA THR B 251 -26.48 -19.61 -19.07
C THR B 251 -27.62 -18.90 -19.84
N LEU B 252 -28.22 -17.87 -19.22
CA LEU B 252 -29.28 -17.10 -19.87
C LEU B 252 -28.73 -16.25 -21.02
N GLU B 253 -27.68 -15.49 -20.73
CA GLU B 253 -27.10 -14.58 -21.72
C GLU B 253 -26.50 -15.28 -22.94
N ASN B 254 -25.89 -16.44 -22.73
CA ASN B 254 -25.26 -17.14 -23.84
C ASN B 254 -26.27 -17.93 -24.69
N ARG B 255 -27.42 -18.25 -24.11
CA ARG B 255 -28.52 -18.92 -24.80
C ARG B 255 -29.26 -17.89 -25.65
N GLN B 256 -29.53 -16.71 -25.08
CA GLN B 256 -30.37 -15.71 -25.70
C GLN B 256 -29.65 -14.74 -26.64
N GLY B 257 -28.37 -14.48 -26.39
CA GLY B 257 -27.68 -13.34 -26.99
C GLY B 257 -28.20 -12.00 -26.48
N LEU B 258 -28.84 -11.98 -25.31
CA LEU B 258 -29.34 -10.78 -24.68
C LEU B 258 -28.79 -10.76 -23.26
N LYS B 259 -28.50 -9.56 -22.76
CA LYS B 259 -27.99 -9.40 -21.41
C LYS B 259 -29.11 -9.19 -20.41
N VAL B 260 -28.86 -9.65 -19.18
CA VAL B 260 -29.67 -9.33 -18.03
C VAL B 260 -29.02 -8.14 -17.33
N ALA B 261 -29.79 -7.09 -17.04
CA ALA B 261 -29.33 -5.94 -16.24
C ALA B 261 -28.20 -5.13 -16.88
N CYS B 262 -28.34 -4.84 -18.17
CA CYS B 262 -27.46 -3.91 -18.86
C CYS B 262 -28.10 -2.54 -18.72
N PRO B 263 -27.52 -1.66 -17.87
CA PRO B 263 -28.23 -0.40 -17.65
C PRO B 263 -28.29 0.52 -18.90
N GLU B 264 -27.31 0.41 -19.79
CA GLU B 264 -27.31 1.25 -21.01
C GLU B 264 -28.50 0.87 -21.89
N GLU B 265 -28.71 -0.42 -22.08
CA GLU B 265 -29.87 -0.94 -22.80
C GLU B 265 -31.19 -0.55 -22.14
N ILE B 266 -31.28 -0.70 -20.83
CA ILE B 266 -32.53 -0.36 -20.12
C ILE B 266 -32.87 1.13 -20.24
N ALA B 267 -31.87 2.00 -20.12
CA ALA B 267 -32.05 3.45 -20.32
C ALA B 267 -32.53 3.74 -21.76
N TYR B 268 -31.94 3.02 -22.72
CA TYR B 268 -32.27 3.22 -24.14
C TYR B 268 -33.71 2.78 -24.44
N ARG B 269 -34.11 1.65 -23.86
CA ARG B 269 -35.47 1.13 -24.03
C ARG B 269 -36.51 1.97 -23.28
N GLN B 270 -36.09 2.63 -22.22
CA GLN B 270 -36.95 3.55 -21.46
C GLN B 270 -37.00 4.94 -22.10
N LYS B 271 -36.26 5.13 -23.19
CA LYS B 271 -36.17 6.43 -23.88
C LYS B 271 -35.51 7.50 -23.03
N TRP B 272 -34.63 7.09 -22.10
CA TRP B 272 -33.91 8.05 -21.26
C TRP B 272 -32.64 8.54 -21.90
N ILE B 273 -32.10 7.72 -22.80
CA ILE B 273 -31.04 8.15 -23.70
C ILE B 273 -31.54 7.82 -25.11
N ASP B 274 -30.97 8.48 -26.12
CA ASP B 274 -31.35 8.23 -27.51
C ASP B 274 -30.26 7.44 -28.24
N ALA B 275 -30.57 7.03 -29.48
CA ALA B 275 -29.67 6.23 -30.31
C ALA B 275 -28.26 6.82 -30.43
N ALA B 276 -28.16 8.13 -30.48
CA ALA B 276 -26.87 8.83 -30.60
C ALA B 276 -26.08 8.78 -29.29
N GLN B 277 -26.76 8.88 -28.15
CA GLN B 277 -26.07 8.74 -26.86
C GLN B 277 -25.58 7.29 -26.64
N LEU B 278 -26.43 6.30 -26.89
CA LEU B 278 -26.02 4.89 -26.82
C LEU B 278 -24.82 4.59 -27.73
N GLU B 279 -24.83 5.18 -28.93
CA GLU B 279 -23.73 5.00 -29.88
C GLU B 279 -22.41 5.46 -29.25
N LYS B 280 -22.45 6.59 -28.55
CA LYS B 280 -21.27 7.13 -27.85
C LYS B 280 -20.84 6.20 -26.72
N LEU B 281 -21.81 5.71 -25.97
CA LEU B 281 -21.54 4.75 -24.88
C LEU B 281 -20.90 3.45 -25.37
N ALA B 282 -21.18 3.07 -26.60
CA ALA B 282 -20.67 1.82 -27.17
C ALA B 282 -19.20 1.92 -27.58
N ALA B 283 -18.72 3.15 -27.79
CA ALA B 283 -17.40 3.38 -28.39
C ALA B 283 -16.22 2.92 -27.53
N PRO B 284 -16.25 3.20 -26.21
CA PRO B 284 -15.12 2.80 -25.35
C PRO B 284 -14.86 1.30 -25.30
N LEU B 285 -15.91 0.49 -25.31
CA LEU B 285 -15.76 -0.94 -25.21
C LEU B 285 -16.02 -1.66 -26.54
N ALA B 286 -15.92 -0.91 -27.64
CA ALA B 286 -16.10 -1.43 -29.01
C ALA B 286 -15.34 -2.72 -29.30
N LYS B 287 -14.15 -2.86 -28.70
CA LYS B 287 -13.30 -4.03 -28.94
C LYS B 287 -13.71 -5.27 -28.11
N ASN B 288 -14.62 -5.13 -27.14
CA ASN B 288 -15.06 -6.31 -26.38
C ASN B 288 -16.55 -6.58 -26.54
N GLY B 289 -17.02 -7.64 -25.89
CA GLY B 289 -18.38 -8.11 -26.08
C GLY B 289 -19.44 -7.14 -25.63
N TYR B 290 -19.13 -6.34 -24.61
CA TYR B 290 -20.12 -5.46 -24.03
C TYR B 290 -20.41 -4.29 -24.96
N GLY B 291 -19.36 -3.65 -25.48
CA GLY B 291 -19.52 -2.59 -26.48
C GLY B 291 -20.15 -3.09 -27.76
N GLN B 292 -19.79 -4.31 -28.17
CA GLN B 292 -20.35 -4.91 -29.39
C GLN B 292 -21.85 -5.13 -29.21
N TYR B 293 -22.23 -5.61 -28.03
CA TYR B 293 -23.62 -5.77 -27.66
C TYR B 293 -24.42 -4.46 -27.78
N LEU B 294 -23.91 -3.39 -27.17
CA LEU B 294 -24.56 -2.08 -27.20
C LEU B 294 -24.69 -1.50 -28.62
N LYS B 295 -23.68 -1.74 -29.45
CA LYS B 295 -23.72 -1.25 -30.85
C LYS B 295 -24.83 -2.00 -31.58
N ARG B 296 -24.89 -3.32 -31.38
CA ARG B 296 -25.93 -4.17 -31.97
C ARG B 296 -27.35 -3.75 -31.55
N LEU B 297 -27.52 -3.23 -30.34
CA LEU B 297 -28.84 -2.75 -29.89
C LEU B 297 -29.37 -1.60 -30.74
N LEU B 298 -28.48 -0.90 -31.45
CA LEU B 298 -28.89 0.22 -32.31
C LEU B 298 -29.70 -0.23 -33.53
N THR B 299 -29.45 -1.44 -34.00
CA THR B 299 -29.99 -1.89 -35.29
C THR B 299 -30.87 -3.13 -35.22
N GLU B 300 -31.20 -3.61 -34.02
CA GLU B 300 -32.02 -4.81 -33.88
C GLU B 300 -33.30 -4.51 -33.11
N THR B 301 -34.42 -4.97 -33.63
CA THR B 301 -35.68 -4.97 -32.90
C THR B 301 -35.71 -6.18 -31.96
N VAL B 302 -35.77 -5.92 -30.66
CA VAL B 302 -35.92 -6.98 -29.66
C VAL B 302 -37.26 -6.78 -28.98
N TYR B 303 -38.11 -7.81 -29.02
CA TYR B 303 -39.46 -7.73 -28.46
C TYR B 303 -39.47 -8.06 -26.97
N HIS C 2 -29.74 18.13 -18.72
CA HIS C 2 -28.58 17.19 -18.86
C HIS C 2 -27.92 16.99 -17.51
N HIS C 3 -27.41 18.06 -16.91
CA HIS C 3 -26.72 17.99 -15.60
C HIS C 3 -27.49 18.63 -14.48
N HIS C 4 -27.52 17.95 -13.32
CA HIS C 4 -28.27 18.43 -12.15
C HIS C 4 -27.36 18.62 -10.97
N HIS C 5 -27.69 19.61 -10.14
CA HIS C 5 -26.88 19.94 -8.96
C HIS C 5 -27.63 19.64 -7.68
N HIS C 6 -26.88 19.21 -6.67
CA HIS C 6 -27.45 18.80 -5.39
C HIS C 6 -26.63 19.30 -4.23
N MET C 11 -19.65 23.02 -3.39
CA MET C 11 -18.64 22.58 -4.35
C MET C 11 -17.42 21.96 -3.66
N LYS C 12 -17.02 20.78 -4.13
CA LYS C 12 -15.92 20.04 -3.54
C LYS C 12 -14.59 20.66 -3.96
N ARG C 13 -13.68 20.79 -3.00
CA ARG C 13 -12.29 21.15 -3.29
C ARG C 13 -11.40 19.94 -3.06
N LYS C 14 -10.66 19.56 -4.09
CA LYS C 14 -9.77 18.40 -4.08
C LYS C 14 -8.38 18.91 -3.76
N GLY C 15 -7.56 18.06 -3.17
CA GLY C 15 -6.22 18.46 -2.80
C GLY C 15 -5.21 17.70 -3.62
N ILE C 16 -4.07 18.33 -3.87
CA ILE C 16 -2.92 17.66 -4.47
C ILE C 16 -1.66 17.91 -3.65
N ILE C 17 -0.94 16.84 -3.30
CA ILE C 17 0.38 16.97 -2.67
C ILE C 17 1.44 16.60 -3.67
N LEU C 18 2.32 17.55 -3.97
CA LEU C 18 3.45 17.28 -4.85
C LEU C 18 4.61 16.76 -3.99
N ALA C 19 4.88 15.46 -4.10
CA ALA C 19 5.92 14.80 -3.35
C ALA C 19 6.96 14.26 -4.32
N GLY C 20 7.49 15.17 -5.14
CA GLY C 20 8.38 14.81 -6.23
C GLY C 20 9.79 14.40 -5.85
N GLY C 21 10.57 14.08 -6.86
CA GLY C 21 11.91 13.51 -6.68
C GLY C 21 12.94 14.60 -6.49
N SER C 22 13.47 14.71 -5.27
CA SER C 22 14.45 15.74 -4.92
C SER C 22 15.81 15.57 -5.64
N GLY C 23 15.82 14.75 -6.69
CA GLY C 23 17.02 14.50 -7.46
C GLY C 23 18.09 13.88 -6.58
N THR C 24 19.26 14.49 -6.57
CA THR C 24 20.40 14.00 -5.80
C THR C 24 20.85 15.02 -4.75
N ARG C 25 20.06 16.08 -4.56
CA ARG C 25 20.47 17.24 -3.74
C ARG C 25 20.69 16.91 -2.25
N LEU C 26 19.96 15.94 -1.71
CA LEU C 26 20.14 15.53 -0.32
C LEU C 26 20.76 14.13 -0.18
N HIS C 27 21.34 13.61 -1.25
CA HIS C 27 22.06 12.34 -1.16
C HIS C 27 23.25 12.48 -0.25
N PRO C 28 23.67 11.39 0.42
CA PRO C 28 23.20 10.02 0.36
C PRO C 28 22.02 9.71 1.30
N ALA C 29 21.60 10.67 2.11
CA ALA C 29 20.44 10.47 3.00
C ALA C 29 19.24 9.95 2.19
N THR C 30 18.99 10.59 1.06
CA THR C 30 17.86 10.25 0.20
C THR C 30 18.10 9.11 -0.81
N LEU C 31 19.30 8.51 -0.79
CA LEU C 31 19.52 7.25 -1.52
C LEU C 31 18.63 6.16 -0.95
N ALA C 32 18.46 6.18 0.38
CA ALA C 32 17.72 5.16 1.11
C ALA C 32 16.21 5.37 1.04
N ILE C 33 15.76 6.62 1.18
CA ILE C 33 14.33 6.92 1.12
C ILE C 33 14.03 8.33 0.61
N SER C 34 12.95 8.45 -0.14
CA SER C 34 12.54 9.74 -0.73
C SER C 34 12.44 10.82 0.33
N LYS C 35 12.74 12.05 -0.11
CA LYS C 35 12.78 13.22 0.76
C LYS C 35 11.53 13.31 1.62
N GLN C 36 10.35 13.16 1.02
CA GLN C 36 9.09 13.39 1.75
C GLN C 36 8.66 12.21 2.64
N LEU C 37 9.47 11.15 2.68
CA LEU C 37 9.38 10.09 3.69
C LEU C 37 10.38 10.21 4.84
N LEU C 38 11.36 11.09 4.72
CA LEU C 38 12.25 11.39 5.86
C LEU C 38 11.43 12.02 6.98
N PRO C 39 11.72 11.62 8.24
CA PRO C 39 10.95 12.19 9.35
C PRO C 39 11.38 13.61 9.67
N VAL C 40 10.39 14.45 10.02
CA VAL C 40 10.66 15.68 10.74
C VAL C 40 10.34 15.37 12.21
N TYR C 41 11.38 15.24 13.01
CA TYR C 41 11.28 14.79 14.40
C TYR C 41 10.71 13.36 14.52
N ASP C 42 9.39 13.21 14.57
CA ASP C 42 8.75 11.97 14.99
C ASP C 42 7.82 11.37 13.92
N LYS C 43 7.67 12.05 12.80
CA LYS C 43 6.73 11.59 11.80
C LYS C 43 7.23 11.94 10.43
N PRO C 44 6.84 11.16 9.40
CA PRO C 44 7.31 11.41 8.04
C PRO C 44 6.91 12.81 7.54
N MET C 45 7.77 13.38 6.72
CA MET C 45 7.62 14.76 6.30
C MET C 45 6.25 14.98 5.67
N ILE C 46 5.78 14.00 4.89
CA ILE C 46 4.52 14.14 4.20
C ILE C 46 3.31 14.34 5.12
N TYR C 47 3.43 13.89 6.37
CA TYR C 47 2.36 14.12 7.36
C TYR C 47 2.03 15.61 7.53
N TYR C 48 3.02 16.50 7.39
CA TYR C 48 2.78 17.91 7.66
C TYR C 48 1.93 18.57 6.54
N PRO C 49 2.34 18.45 5.27
CA PRO C 49 1.47 19.04 4.24
C PRO C 49 0.11 18.32 4.08
N LEU C 50 0.05 17.03 4.39
CA LEU C 50 -1.23 16.31 4.47
C LEU C 50 -2.12 16.94 5.54
N SER C 51 -1.56 17.22 6.71
CA SER C 51 -2.33 17.87 7.78
C SER C 51 -2.79 19.25 7.38
N THR C 52 -1.98 19.97 6.62
CA THR C 52 -2.37 21.31 6.19
C THR C 52 -3.62 21.26 5.29
N LEU C 53 -3.63 20.32 4.37
CA LEU C 53 -4.81 20.10 3.54
C LEU C 53 -6.05 19.72 4.37
N MET C 54 -5.84 18.81 5.32
CA MET C 54 -6.90 18.36 6.23
C MET C 54 -7.48 19.52 7.04
N LEU C 55 -6.61 20.37 7.56
CA LEU C 55 -7.07 21.60 8.26
C LEU C 55 -7.83 22.58 7.35
N ALA C 56 -7.57 22.56 6.06
CA ALA C 56 -8.38 23.31 5.11
C ALA C 56 -9.73 22.62 4.76
N GLY C 57 -10.02 21.49 5.40
CA GLY C 57 -11.26 20.75 5.20
C GLY C 57 -11.24 19.82 4.02
N ILE C 58 -10.05 19.58 3.45
CA ILE C 58 -9.91 18.81 2.23
C ILE C 58 -9.67 17.33 2.55
N ARG C 59 -10.47 16.45 1.94
CA ARG C 59 -10.47 15.00 2.24
C ARG C 59 -10.08 14.13 1.07
N GLU C 60 -10.29 14.62 -0.15
CA GLU C 60 -9.95 13.88 -1.34
C GLU C 60 -8.65 14.43 -1.86
N ILE C 61 -7.60 13.60 -1.82
CA ILE C 61 -6.25 14.09 -2.07
C ILE C 61 -5.47 13.17 -3.01
N LEU C 62 -4.84 13.77 -4.01
CA LEU C 62 -3.95 13.08 -4.95
C LEU C 62 -2.51 13.33 -4.52
N ILE C 63 -1.73 12.26 -4.39
CA ILE C 63 -0.31 12.37 -4.10
C ILE C 63 0.44 12.04 -5.40
N ILE C 64 1.24 13.00 -5.85
CA ILE C 64 2.04 12.84 -7.04
C ILE C 64 3.48 12.64 -6.62
N SER C 65 4.09 11.55 -7.05
CA SER C 65 5.50 11.27 -6.74
C SER C 65 6.12 10.48 -7.88
N THR C 66 7.40 10.14 -7.76
CA THR C 66 8.07 9.33 -8.80
C THR C 66 7.50 7.92 -8.82
N PRO C 67 7.64 7.21 -9.96
CA PRO C 67 7.22 5.82 -10.05
C PRO C 67 7.81 4.95 -8.94
N GLN C 68 9.08 5.18 -8.61
CA GLN C 68 9.75 4.43 -7.55
C GLN C 68 9.21 4.79 -6.15
N ASP C 69 8.88 6.05 -5.93
CA ASP C 69 8.42 6.48 -4.61
C ASP C 69 6.94 6.20 -4.36
N THR C 70 6.15 6.13 -5.43
CA THR C 70 4.71 5.96 -5.30
C THR C 70 4.31 4.81 -4.36
N PRO C 71 4.84 3.58 -4.57
CA PRO C 71 4.45 2.48 -3.67
C PRO C 71 4.88 2.65 -2.21
N ARG C 72 5.92 3.44 -1.99
CA ARG C 72 6.41 3.71 -0.63
C ARG C 72 5.42 4.62 0.09
N PHE C 73 4.97 5.69 -0.60
CA PHE C 73 3.86 6.53 -0.07
C PHE C 73 2.57 5.74 0.15
N GLN C 74 2.27 4.84 -0.78
CA GLN C 74 1.08 4.03 -0.67
C GLN C 74 1.14 3.09 0.53
N GLN C 75 2.32 2.55 0.82
CA GLN C 75 2.50 1.67 1.96
C GLN C 75 2.32 2.45 3.26
N LEU C 76 2.81 3.68 3.28
CA LEU C 76 2.66 4.55 4.47
C LEU C 76 1.21 4.93 4.76
N LEU C 77 0.53 5.41 3.73
CA LEU C 77 -0.74 6.11 3.88
C LEU C 77 -1.94 5.31 3.41
N GLY C 78 -1.74 4.33 2.52
CA GLY C 78 -2.88 3.59 1.98
C GLY C 78 -3.84 4.45 1.18
N ASP C 79 -5.14 4.09 1.20
CA ASP C 79 -6.16 4.92 0.53
C ASP C 79 -6.76 6.00 1.43
N GLY C 80 -6.25 6.10 2.68
CA GLY C 80 -6.67 7.16 3.60
C GLY C 80 -7.98 6.93 4.34
N SER C 81 -8.69 5.86 3.96
CA SER C 81 -10.03 5.60 4.49
C SER C 81 -10.05 5.44 6.00
N ASN C 82 -8.97 4.92 6.56
CA ASN C 82 -8.77 4.85 8.01
C ASN C 82 -8.78 6.20 8.73
N TRP C 83 -8.53 7.28 7.98
CA TRP C 83 -8.51 8.65 8.52
C TRP C 83 -9.63 9.49 8.01
N GLY C 84 -10.60 8.84 7.36
CA GLY C 84 -11.71 9.55 6.73
C GLY C 84 -11.34 10.31 5.48
N LEU C 85 -10.27 9.88 4.81
CA LEU C 85 -9.78 10.50 3.59
C LEU C 85 -9.93 9.57 2.39
N ASP C 86 -9.80 10.16 1.21
CA ASP C 86 -9.82 9.47 -0.06
C ASP C 86 -8.53 9.86 -0.76
N LEU C 87 -7.49 9.05 -0.54
CA LEU C 87 -6.16 9.28 -1.10
C LEU C 87 -6.01 8.49 -2.39
N GLN C 88 -5.60 9.17 -3.45
CA GLN C 88 -5.28 8.57 -4.72
C GLN C 88 -3.85 8.95 -5.10
N TYR C 89 -3.31 8.28 -6.11
CA TYR C 89 -1.91 8.38 -6.48
C TYR C 89 -1.72 8.50 -7.98
N ALA C 90 -0.75 9.31 -8.36
CA ALA C 90 -0.32 9.42 -9.74
C ALA C 90 1.18 9.56 -9.76
N VAL C 91 1.79 9.10 -10.85
CA VAL C 91 3.24 9.14 -10.99
C VAL C 91 3.62 10.36 -11.80
N GLN C 92 4.77 10.94 -11.48
CA GLN C 92 5.37 11.98 -12.29
C GLN C 92 6.71 11.42 -12.76
N PRO C 93 6.77 11.01 -14.04
CA PRO C 93 8.03 10.44 -14.55
C PRO C 93 9.20 11.42 -14.52
N SER C 94 8.96 12.68 -14.87
CA SER C 94 10.06 13.64 -14.97
C SER C 94 9.79 14.86 -14.10
N PRO C 95 10.84 15.42 -13.47
CA PRO C 95 10.64 16.70 -12.78
C PRO C 95 10.56 17.87 -13.77
N ASP C 96 9.49 17.92 -14.56
CA ASP C 96 9.32 18.95 -15.60
C ASP C 96 8.52 20.13 -15.09
N GLY C 97 8.89 20.63 -13.92
CA GLY C 97 8.21 21.76 -13.31
C GLY C 97 6.96 21.35 -12.57
N LEU C 98 6.58 22.16 -11.59
CA LEU C 98 5.50 21.81 -10.67
C LEU C 98 4.10 22.14 -11.23
N ALA C 99 4.04 22.99 -12.26
CA ALA C 99 2.78 23.25 -12.96
C ALA C 99 2.29 22.03 -13.74
N GLN C 100 3.21 21.10 -14.03
CA GLN C 100 2.85 19.79 -14.59
C GLN C 100 1.81 19.05 -13.73
N ALA C 101 1.81 19.28 -12.42
CA ALA C 101 0.85 18.65 -11.50
C ALA C 101 -0.62 18.76 -11.94
N PHE C 102 -0.99 19.87 -12.57
CA PHE C 102 -2.40 20.07 -13.00
C PHE C 102 -2.76 19.26 -14.24
N LEU C 103 -1.74 18.90 -15.04
CA LEU C 103 -1.94 18.02 -16.20
C LEU C 103 -1.90 16.57 -15.75
N ILE C 104 -0.95 16.22 -14.88
CA ILE C 104 -0.96 14.88 -14.30
C ILE C 104 -2.26 14.65 -13.55
N GLY C 105 -2.72 15.64 -12.79
CA GLY C 105 -3.94 15.52 -12.01
C GLY C 105 -5.21 15.97 -12.70
N GLU C 106 -5.18 16.21 -14.01
CA GLU C 106 -6.37 16.70 -14.72
C GLU C 106 -7.61 15.84 -14.47
N SER C 107 -7.50 14.52 -14.57
CA SER C 107 -8.68 13.66 -14.43
C SER C 107 -9.15 13.54 -12.97
N PHE C 108 -8.21 13.62 -12.03
CA PHE C 108 -8.54 13.66 -10.60
C PHE C 108 -9.33 14.92 -10.24
N ILE C 109 -8.87 16.08 -10.71
CA ILE C 109 -9.53 17.37 -10.43
C ILE C 109 -10.94 17.41 -11.05
N GLY C 110 -11.03 17.01 -12.32
CA GLY C 110 -12.30 17.04 -13.04
C GLY C 110 -12.81 18.46 -13.10
N ASN C 111 -14.05 18.66 -12.68
CA ASN C 111 -14.69 19.98 -12.73
C ASN C 111 -14.66 20.71 -11.39
N ASP C 112 -13.92 20.15 -10.43
CA ASP C 112 -13.95 20.65 -9.05
C ASP C 112 -12.89 21.72 -8.76
N LEU C 113 -13.02 22.34 -7.59
CA LEU C 113 -11.99 23.27 -7.09
C LEU C 113 -10.82 22.44 -6.59
N SER C 114 -9.67 23.10 -6.39
CA SER C 114 -8.46 22.36 -6.05
C SER C 114 -7.57 23.18 -5.11
N ALA C 115 -6.70 22.48 -4.39
CA ALA C 115 -5.63 23.08 -3.58
C ALA C 115 -4.38 22.24 -3.85
N LEU C 116 -3.23 22.91 -4.02
CA LEU C 116 -1.96 22.25 -4.23
C LEU C 116 -1.00 22.62 -3.09
N VAL C 117 -0.32 21.62 -2.55
CA VAL C 117 0.65 21.87 -1.51
C VAL C 117 1.94 21.14 -1.84
N LEU C 118 3.08 21.77 -1.55
CA LEU C 118 4.38 21.14 -1.72
C LEU C 118 4.60 20.16 -0.60
N GLY C 119 5.13 18.99 -0.91
CA GLY C 119 5.31 17.91 0.07
C GLY C 119 6.34 18.14 1.18
N ASP C 120 7.21 19.13 1.00
CA ASP C 120 8.22 19.43 2.01
C ASP C 120 7.96 20.74 2.76
N ASN C 121 6.75 21.27 2.69
CA ASN C 121 6.42 22.51 3.39
C ASN C 121 5.71 22.19 4.71
N LEU C 122 6.20 22.79 5.79
CA LEU C 122 5.63 22.67 7.14
C LEU C 122 5.07 24.03 7.53
N TYR C 123 3.84 24.05 8.04
CA TYR C 123 3.24 25.26 8.56
C TYR C 123 2.84 25.10 10.02
N TYR C 124 3.01 26.16 10.80
CA TYR C 124 2.61 26.13 12.20
C TYR C 124 2.09 27.50 12.60
N GLY C 125 0.99 27.51 13.36
CA GLY C 125 0.50 28.75 13.92
C GLY C 125 -0.94 28.61 14.34
N HIS C 126 -1.49 29.72 14.80
CA HIS C 126 -2.79 29.74 15.44
C HIS C 126 -3.90 30.02 14.47
N ASP C 127 -5.06 29.41 14.73
CA ASP C 127 -6.23 29.61 13.88
C ASP C 127 -5.85 29.40 12.41
N PHE C 128 -4.94 28.46 12.19
CA PHE C 128 -4.48 28.14 10.86
C PHE C 128 -5.68 27.59 10.12
N HIS C 129 -6.49 26.84 10.86
CA HIS C 129 -7.85 26.46 10.47
C HIS C 129 -8.64 27.61 9.86
N GLU C 130 -8.67 28.76 10.53
CA GLU C 130 -9.43 29.93 10.05
C GLU C 130 -8.74 30.65 8.88
N LEU C 131 -7.42 30.87 8.98
CA LEU C 131 -6.63 31.50 7.90
C LEU C 131 -6.85 30.87 6.53
N LEU C 132 -7.04 29.55 6.54
CA LEU C 132 -7.26 28.78 5.32
C LEU C 132 -8.74 28.82 4.92
N GLY C 133 -9.60 29.19 5.87
CA GLY C 133 -11.05 29.28 5.62
C GLY C 133 -11.40 30.34 4.59
N SER C 134 -10.76 31.49 4.70
CA SER C 134 -10.91 32.57 3.72
C SER C 134 -10.60 32.07 2.30
N ALA C 135 -9.50 31.33 2.16
CA ALA C 135 -9.07 30.83 0.86
C ALA C 135 -9.94 29.68 0.38
N SER C 136 -10.28 28.76 1.27
CA SER C 136 -11.06 27.57 0.87
C SER C 136 -12.47 27.97 0.40
N GLN C 137 -13.08 28.91 1.12
CA GLN C 137 -14.43 29.41 0.81
C GLN C 137 -14.61 29.94 -0.62
N ARG C 138 -13.61 30.65 -1.13
CA ARG C 138 -13.66 31.26 -2.45
C ARG C 138 -13.88 30.24 -3.57
N GLN C 139 -15.07 30.29 -4.16
CA GLN C 139 -15.45 29.36 -5.21
C GLN C 139 -14.94 29.83 -6.58
N THR C 140 -14.40 31.06 -6.64
CA THR C 140 -13.86 31.62 -7.87
C THR C 140 -12.51 32.28 -7.62
N GLY C 141 -11.64 32.22 -8.63
CA GLY C 141 -10.32 32.81 -8.58
C GLY C 141 -9.30 31.89 -7.92
N ALA C 142 -8.11 32.43 -7.67
CA ALA C 142 -7.05 31.72 -6.96
C ALA C 142 -6.62 32.50 -5.73
N SER C 143 -6.12 31.78 -4.72
CA SER C 143 -5.57 32.40 -3.51
C SER C 143 -4.22 31.79 -3.17
N VAL C 144 -3.30 32.67 -2.81
CA VAL C 144 -1.96 32.26 -2.39
C VAL C 144 -1.64 33.05 -1.13
N PHE C 145 -0.57 32.69 -0.45
CA PHE C 145 -0.13 33.38 0.76
C PHE C 145 1.29 33.86 0.61
N ALA C 146 1.54 35.07 1.11
CA ALA C 146 2.85 35.69 1.03
C ALA C 146 3.45 35.72 2.42
N TYR C 147 4.73 35.41 2.54
CA TYR C 147 5.38 35.28 3.83
C TYR C 147 6.74 35.90 3.78
N HIS C 148 7.03 36.74 4.77
CA HIS C 148 8.28 37.46 4.80
C HIS C 148 9.41 36.51 5.08
N VAL C 149 10.40 36.48 4.18
CA VAL C 149 11.58 35.62 4.37
C VAL C 149 12.89 36.39 4.24
N LEU C 150 13.98 35.77 4.68
CA LEU C 150 15.33 36.31 4.56
C LEU C 150 15.91 36.11 3.14
N ASP C 151 15.48 35.06 2.45
CA ASP C 151 16.06 34.67 1.15
C ASP C 151 14.98 34.51 0.06
N PRO C 152 14.30 35.61 -0.30
CA PRO C 152 13.20 35.58 -1.26
C PRO C 152 13.62 35.04 -2.62
N GLU C 153 14.90 35.22 -2.97
CA GLU C 153 15.51 34.66 -4.21
C GLU C 153 15.21 33.18 -4.43
N ARG C 154 15.00 32.41 -3.34
CA ARG C 154 14.76 30.98 -3.49
C ARG C 154 13.34 30.64 -3.92
N TYR C 155 12.45 31.63 -3.97
CA TYR C 155 11.00 31.40 -4.09
C TYR C 155 10.38 32.22 -5.20
N GLY C 156 9.10 31.97 -5.41
CA GLY C 156 8.23 32.92 -6.09
C GLY C 156 8.10 34.12 -5.16
N VAL C 157 8.27 35.31 -5.73
CA VAL C 157 8.31 36.55 -4.96
C VAL C 157 7.15 37.43 -5.41
N VAL C 158 6.46 38.03 -4.45
CA VAL C 158 5.37 38.94 -4.75
C VAL C 158 5.75 40.39 -4.42
N GLU C 159 5.44 41.28 -5.36
CA GLU C 159 5.64 42.71 -5.23
C GLU C 159 4.28 43.37 -5.05
N PHE C 160 4.19 44.29 -4.09
CA PHE C 160 2.96 44.99 -3.79
C PHE C 160 3.18 46.49 -4.07
N ASP C 161 2.10 47.19 -4.40
CA ASP C 161 2.19 48.66 -4.51
C ASP C 161 2.02 49.30 -3.12
N GLN C 162 2.09 50.64 -3.06
CA GLN C 162 1.98 51.34 -1.77
C GLN C 162 0.68 51.06 -1.02
N GLY C 163 -0.39 50.75 -1.76
CA GLY C 163 -1.67 50.39 -1.17
C GLY C 163 -1.89 48.91 -0.87
N GLY C 164 -0.83 48.11 -0.98
CA GLY C 164 -0.87 46.69 -0.63
C GLY C 164 -1.45 45.74 -1.68
N LYS C 165 -1.72 46.26 -2.88
CA LYS C 165 -2.21 45.43 -4.00
C LYS C 165 -1.03 44.72 -4.64
N ALA C 166 -1.15 43.41 -4.84
CA ALA C 166 -0.12 42.66 -5.55
C ALA C 166 -0.10 43.08 -7.02
N ILE C 167 1.09 43.41 -7.52
CA ILE C 167 1.25 43.93 -8.88
C ILE C 167 2.24 43.15 -9.76
N SER C 168 3.05 42.27 -9.17
CA SER C 168 3.94 41.41 -9.95
C SER C 168 4.34 40.14 -9.19
N LEU C 169 4.57 39.07 -9.95
CA LEU C 169 5.15 37.84 -9.44
C LEU C 169 6.40 37.52 -10.26
N GLU C 170 7.46 37.10 -9.58
CA GLU C 170 8.69 36.68 -10.25
C GLU C 170 9.10 35.35 -9.64
N GLU C 171 9.51 34.42 -10.50
CA GLU C 171 10.01 33.12 -10.05
C GLU C 171 11.52 33.18 -9.77
N LYS C 172 11.88 32.98 -8.50
CA LYS C 172 13.28 32.96 -8.07
C LYS C 172 14.10 34.11 -8.66
N PRO C 173 13.66 35.35 -8.43
CA PRO C 173 14.35 36.51 -8.99
C PRO C 173 15.73 36.67 -8.37
N LEU C 174 16.74 36.91 -9.19
CA LEU C 174 18.07 37.18 -8.66
C LEU C 174 18.07 38.54 -7.95
N GLU C 175 17.12 39.41 -8.31
CA GLU C 175 16.99 40.71 -7.66
C GLU C 175 15.54 40.91 -7.20
N PRO C 176 15.18 40.31 -6.05
CA PRO C 176 13.79 40.31 -5.60
C PRO C 176 13.23 41.71 -5.38
N LYS C 177 11.98 41.93 -5.75
CA LYS C 177 11.32 43.23 -5.57
C LYS C 177 10.83 43.43 -4.13
N SER C 178 10.76 42.34 -3.38
CA SER C 178 10.35 42.37 -1.98
C SER C 178 10.92 41.15 -1.24
N ASN C 179 10.67 41.10 0.05
CA ASN C 179 11.02 39.92 0.86
C ASN C 179 9.84 38.96 1.06
N TYR C 180 8.74 39.20 0.33
CA TYR C 180 7.56 38.36 0.40
C TYR C 180 7.55 37.22 -0.62
N ALA C 181 7.81 36.02 -0.09
CA ALA C 181 7.75 34.79 -0.85
C ALA C 181 6.34 34.22 -0.87
N VAL C 182 5.99 33.60 -1.99
CA VAL C 182 4.74 32.88 -2.12
C VAL C 182 4.99 31.49 -1.53
N THR C 183 4.26 31.14 -0.46
CA THR C 183 4.50 29.88 0.22
C THR C 183 4.00 28.73 -0.69
N GLY C 184 4.30 27.48 -0.33
CA GLY C 184 3.97 26.36 -1.21
C GLY C 184 2.58 25.79 -0.97
N LEU C 185 1.57 26.66 -0.94
CA LEU C 185 0.19 26.21 -0.69
C LEU C 185 -0.70 27.14 -1.48
N TYR C 186 -1.45 26.57 -2.42
CA TYR C 186 -2.17 27.33 -3.43
C TYR C 186 -3.60 26.80 -3.58
N PHE C 187 -4.56 27.71 -3.71
CA PHE C 187 -5.99 27.40 -3.88
C PHE C 187 -6.47 27.85 -5.25
N TYR C 188 -7.17 26.97 -5.97
CA TYR C 188 -7.51 27.21 -7.37
C TYR C 188 -8.96 26.87 -7.68
N ASP C 189 -9.54 27.65 -8.56
CA ASP C 189 -10.89 27.39 -9.05
C ASP C 189 -10.82 26.47 -10.26
N GLN C 190 -11.96 26.30 -10.92
CA GLN C 190 -12.09 25.33 -12.00
C GLN C 190 -11.28 25.68 -13.28
N GLN C 191 -10.62 26.83 -13.29
CA GLN C 191 -9.87 27.32 -14.47
C GLN C 191 -8.41 26.87 -14.59
N VAL C 192 -7.86 26.31 -13.53
CA VAL C 192 -6.41 26.13 -13.43
C VAL C 192 -5.85 25.11 -14.44
N VAL C 193 -6.58 24.02 -14.67
CA VAL C 193 -6.11 23.04 -15.65
C VAL C 193 -5.93 23.66 -17.04
N ASP C 194 -6.94 24.41 -17.49
CA ASP C 194 -6.87 25.11 -18.79
C ASP C 194 -5.76 26.16 -18.84
N ILE C 195 -5.60 26.92 -17.76
CA ILE C 195 -4.48 27.86 -17.65
C ILE C 195 -3.14 27.13 -17.79
N ALA C 196 -3.00 25.99 -17.12
CA ALA C 196 -1.74 25.22 -17.16
C ALA C 196 -1.46 24.59 -18.53
N ARG C 197 -2.51 24.21 -19.25
CA ARG C 197 -2.35 23.60 -20.57
C ARG C 197 -1.68 24.55 -21.59
N ASP C 198 -1.78 25.85 -21.36
CA ASP C 198 -1.21 26.87 -22.26
C ASP C 198 0.24 27.30 -21.92
N LEU C 199 0.77 26.83 -20.79
CA LEU C 199 2.13 27.22 -20.36
C LEU C 199 3.20 26.54 -21.20
N LYS C 200 4.25 27.29 -21.54
CA LYS C 200 5.38 26.76 -22.30
C LYS C 200 6.66 26.85 -21.45
N PRO C 201 7.41 25.74 -21.32
CA PRO C 201 8.59 25.65 -20.47
C PRO C 201 9.44 26.93 -20.38
N SER C 202 9.82 27.30 -19.16
CA SER C 202 10.61 28.51 -18.91
C SER C 202 12.04 28.34 -19.45
N PRO C 203 12.85 29.42 -19.41
CA PRO C 203 14.28 29.30 -19.69
C PRO C 203 14.97 28.14 -18.94
N ARG C 204 14.49 27.81 -17.74
CA ARG C 204 14.99 26.66 -16.98
C ARG C 204 14.41 25.30 -17.44
N GLY C 205 13.49 25.33 -18.40
CA GLY C 205 12.88 24.12 -18.97
C GLY C 205 11.80 23.50 -18.10
N GLU C 206 11.01 24.34 -17.44
CA GLU C 206 10.03 23.87 -16.46
C GLU C 206 8.69 24.60 -16.56
N LEU C 207 7.61 23.87 -16.25
CA LEU C 207 6.28 24.45 -16.11
C LEU C 207 6.17 25.05 -14.71
N GLU C 208 6.09 26.36 -14.63
CA GLU C 208 6.22 27.09 -13.36
C GLU C 208 4.88 27.40 -12.73
N ILE C 209 4.72 27.10 -11.43
CA ILE C 209 3.52 27.47 -10.70
C ILE C 209 3.33 28.99 -10.73
N THR C 210 4.43 29.75 -10.67
CA THR C 210 4.38 31.22 -10.72
C THR C 210 3.70 31.73 -12.01
N ASP C 211 3.93 31.03 -13.12
CA ASP C 211 3.28 31.37 -14.39
C ASP C 211 1.77 31.14 -14.31
N VAL C 212 1.33 30.07 -13.63
CA VAL C 212 -0.10 29.87 -13.36
C VAL C 212 -0.67 31.03 -12.53
N ASN C 213 0.03 31.38 -11.46
CA ASN C 213 -0.43 32.43 -10.56
C ASN C 213 -0.52 33.79 -11.23
N ARG C 214 0.46 34.07 -12.09
CA ARG C 214 0.46 35.30 -12.90
C ARG C 214 -0.76 35.38 -13.81
N ALA C 215 -1.18 34.24 -14.36
CA ALA C 215 -2.39 34.19 -15.18
C ALA C 215 -3.61 34.68 -14.42
N TYR C 216 -3.79 34.22 -13.17
CA TYR C 216 -4.91 34.70 -12.36
C TYR C 216 -4.75 36.17 -12.03
N LEU C 217 -3.52 36.57 -11.69
CA LEU C 217 -3.21 37.97 -11.44
C LEU C 217 -3.65 38.85 -12.62
N GLU C 218 -3.31 38.41 -13.83
CA GLU C 218 -3.54 39.19 -15.06
C GLU C 218 -5.02 39.41 -15.38
N ARG C 219 -5.89 38.49 -14.97
CA ARG C 219 -7.34 38.70 -15.13
C ARG C 219 -7.99 39.11 -13.82
N GLY C 220 -7.20 39.68 -12.90
CA GLY C 220 -7.71 40.19 -11.63
C GLY C 220 -8.40 39.15 -10.77
N GLN C 221 -7.90 37.92 -10.79
CA GLN C 221 -8.53 36.83 -10.04
C GLN C 221 -7.57 36.14 -9.05
N LEU C 222 -6.53 36.86 -8.64
CA LEU C 222 -5.59 36.32 -7.66
C LEU C 222 -5.74 37.07 -6.34
N SER C 223 -5.99 36.32 -5.27
CA SER C 223 -5.93 36.90 -3.94
C SER C 223 -4.60 36.49 -3.31
N VAL C 224 -3.91 37.49 -2.74
CA VAL C 224 -2.66 37.26 -2.05
C VAL C 224 -2.87 37.68 -0.61
N GLU C 225 -3.06 36.70 0.26
CA GLU C 225 -3.19 37.02 1.68
C GLU C 225 -1.83 36.94 2.36
N ILE C 226 -1.61 37.82 3.33
CA ILE C 226 -0.40 37.79 4.12
C ILE C 226 -0.49 36.66 5.14
N MET C 227 0.55 35.81 5.17
CA MET C 227 0.77 34.89 6.28
C MET C 227 1.71 35.61 7.24
N GLY C 228 1.16 35.97 8.40
CA GLY C 228 1.89 36.84 9.33
C GLY C 228 3.09 36.21 9.99
N ARG C 229 3.89 37.07 10.61
CA ARG C 229 5.15 36.65 11.22
C ARG C 229 4.95 35.70 12.42
N GLY C 230 3.76 35.74 13.01
CA GLY C 230 3.38 34.83 14.10
C GLY C 230 3.11 33.41 13.63
N TYR C 231 3.13 33.19 12.31
CA TYR C 231 3.11 31.85 11.76
C TYR C 231 4.54 31.42 11.44
N ALA C 232 4.80 30.12 11.52
CA ALA C 232 6.06 29.56 11.09
C ALA C 232 5.78 28.82 9.80
N TRP C 233 6.44 29.24 8.74
CA TRP C 233 6.46 28.44 7.52
C TRP C 233 7.88 28.00 7.37
N LEU C 234 8.10 26.70 7.45
CA LEU C 234 9.44 26.17 7.32
C LEU C 234 9.46 25.28 6.09
N ASP C 235 10.59 25.24 5.41
CA ASP C 235 10.71 24.21 4.40
C ASP C 235 12.02 23.46 4.66
N THR C 236 12.08 22.30 4.05
CA THR C 236 13.04 21.31 4.39
C THR C 236 13.98 21.13 3.19
N GLY C 237 14.47 22.25 2.66
CA GLY C 237 15.30 22.22 1.45
C GLY C 237 16.66 21.54 1.64
N THR C 238 17.32 21.84 2.75
CA THR C 238 18.68 21.37 3.02
C THR C 238 18.70 20.44 4.24
N HIS C 239 19.83 19.73 4.41
CA HIS C 239 20.05 18.95 5.63
C HIS C 239 19.96 19.83 6.84
N ASP C 240 20.50 21.04 6.74
CA ASP C 240 20.46 22.00 7.86
C ASP C 240 19.03 22.39 8.22
N SER C 241 18.23 22.78 7.23
CA SER C 241 16.85 23.21 7.47
C SER C 241 15.94 22.04 7.88
N LEU C 242 16.26 20.83 7.43
CA LEU C 242 15.55 19.61 7.89
C LEU C 242 15.75 19.42 9.39
N LEU C 243 16.99 19.58 9.84
CA LEU C 243 17.33 19.45 11.25
C LEU C 243 16.70 20.57 12.08
N GLU C 244 16.71 21.80 11.55
CA GLU C 244 16.05 22.92 12.22
C GLU C 244 14.55 22.65 12.38
N ALA C 245 13.91 22.13 11.34
CA ALA C 245 12.47 21.82 11.40
C ALA C 245 12.15 20.80 12.48
N GLY C 246 12.98 19.76 12.58
CA GLY C 246 12.84 18.73 13.65
C GLY C 246 12.94 19.30 15.05
N GLN C 247 13.93 20.17 15.28
CA GLN C 247 14.16 20.80 16.58
CA GLN C 247 14.13 20.74 16.62
C GLN C 247 12.95 21.64 16.95
N PHE C 248 12.45 22.36 15.95
CA PHE C 248 11.28 23.23 16.10
C PHE C 248 10.04 22.45 16.55
N ILE C 249 9.72 21.39 15.82
CA ILE C 249 8.59 20.55 16.16
C ILE C 249 8.80 19.88 17.52
N ALA C 250 10.01 19.41 17.77
CA ALA C 250 10.31 18.75 19.04
C ALA C 250 10.12 19.71 20.22
N THR C 251 10.57 20.94 20.07
CA THR C 251 10.42 21.91 21.13
C THR C 251 8.96 22.20 21.45
N LEU C 252 8.13 22.36 20.42
CA LEU C 252 6.69 22.58 20.57
C LEU C 252 6.00 21.38 21.25
N GLU C 253 6.20 20.20 20.70
CA GLU C 253 5.52 18.99 21.21
C GLU C 253 5.91 18.61 22.64
N ASN C 254 7.19 18.71 22.97
CA ASN C 254 7.66 18.40 24.31
C ASN C 254 7.28 19.45 25.34
N ARG C 255 7.05 20.68 24.88
CA ARG C 255 6.51 21.72 25.75
C ARG C 255 5.04 21.45 26.04
N GLN C 256 4.28 21.19 24.98
CA GLN C 256 2.83 21.19 25.01
C GLN C 256 2.22 19.87 25.43
N GLY C 257 2.90 18.78 25.11
CA GLY C 257 2.31 17.45 25.15
C GLY C 257 1.16 17.31 24.16
N LEU C 258 1.23 18.08 23.07
CA LEU C 258 0.30 18.00 21.97
C LEU C 258 1.14 17.88 20.72
N LYS C 259 0.66 17.15 19.72
CA LYS C 259 1.41 16.97 18.48
C LYS C 259 1.03 17.99 17.43
N VAL C 260 2.00 18.30 16.58
CA VAL C 260 1.77 19.06 15.34
C VAL C 260 1.67 18.06 14.19
N ALA C 261 0.61 18.17 13.42
CA ALA C 261 0.39 17.35 12.22
C ALA C 261 0.21 15.87 12.50
N CYS C 262 -0.63 15.54 13.47
CA CYS C 262 -1.03 14.17 13.71
C CYS C 262 -2.34 13.97 12.92
N PRO C 263 -2.28 13.26 11.78
CA PRO C 263 -3.49 13.17 10.93
C PRO C 263 -4.73 12.54 11.62
N GLU C 264 -4.50 11.54 12.45
CA GLU C 264 -5.57 10.81 13.14
C GLU C 264 -6.30 11.75 14.09
N GLU C 265 -5.53 12.56 14.82
CA GLU C 265 -6.10 13.62 15.67
C GLU C 265 -6.93 14.60 14.88
N ILE C 266 -6.37 15.11 13.78
CA ILE C 266 -7.04 16.10 12.98
C ILE C 266 -8.33 15.55 12.37
N ALA C 267 -8.29 14.31 11.88
CA ALA C 267 -9.48 13.65 11.38
C ALA C 267 -10.55 13.47 12.49
N TYR C 268 -10.11 13.12 13.69
CA TYR C 268 -11.00 12.96 14.85
C TYR C 268 -11.62 14.29 15.22
N ARG C 269 -10.80 15.33 15.29
CA ARG C 269 -11.31 16.64 15.65
C ARG C 269 -12.24 17.24 14.59
N GLN C 270 -12.07 16.84 13.33
CA GLN C 270 -12.90 17.30 12.22
C GLN C 270 -14.20 16.47 12.09
N LYS C 271 -14.35 15.45 12.93
CA LYS C 271 -15.48 14.50 12.90
C LYS C 271 -15.50 13.64 11.63
N TRP C 272 -14.32 13.38 11.08
CA TRP C 272 -14.16 12.52 9.90
C TRP C 272 -14.04 11.08 10.29
N ILE C 273 -13.49 10.86 11.47
CA ILE C 273 -13.54 9.55 12.11
C ILE C 273 -14.10 9.74 13.50
N ASP C 274 -14.59 8.65 14.10
CA ASP C 274 -15.16 8.71 15.43
C ASP C 274 -14.28 8.03 16.47
N ALA C 275 -14.70 8.14 17.73
CA ALA C 275 -13.91 7.63 18.87
C ALA C 275 -13.57 6.13 18.75
N ALA C 276 -14.51 5.34 18.23
CA ALA C 276 -14.27 3.89 18.04
C ALA C 276 -13.14 3.66 17.04
N GLN C 277 -13.18 4.37 15.92
CA GLN C 277 -12.16 4.25 14.89
C GLN C 277 -10.80 4.73 15.40
N LEU C 278 -10.78 5.84 16.12
CA LEU C 278 -9.54 6.32 16.73
C LEU C 278 -8.96 5.30 17.71
N GLU C 279 -9.83 4.62 18.46
CA GLU C 279 -9.38 3.59 19.38
C GLU C 279 -8.75 2.43 18.63
N LYS C 280 -9.36 2.05 17.50
CA LYS C 280 -8.81 0.99 16.64
C LYS C 280 -7.45 1.34 16.07
N LEU C 281 -7.24 2.60 15.70
CA LEU C 281 -5.94 3.08 15.20
C LEU C 281 -4.92 3.16 16.33
N ALA C 282 -5.39 3.42 17.56
CA ALA C 282 -4.51 3.45 18.72
C ALA C 282 -3.97 2.05 19.08
N ALA C 283 -4.79 1.03 18.87
CA ALA C 283 -4.46 -0.35 19.25
C ALA C 283 -3.06 -0.82 18.83
N PRO C 284 -2.75 -0.85 17.51
CA PRO C 284 -1.45 -1.33 17.04
C PRO C 284 -0.24 -0.50 17.49
N LEU C 285 -0.47 0.75 17.91
CA LEU C 285 0.59 1.65 18.32
C LEU C 285 0.67 1.85 19.84
N ALA C 286 0.02 0.99 20.62
CA ALA C 286 -0.07 1.12 22.08
C ALA C 286 1.29 1.05 22.80
N LYS C 287 2.24 0.32 22.21
CA LYS C 287 3.56 0.13 22.80
C LYS C 287 4.51 1.32 22.65
N ASN C 288 4.05 2.39 21.99
CA ASN C 288 4.89 3.56 21.76
C ASN C 288 4.17 4.86 22.10
N GLY C 289 4.94 5.95 22.16
CA GLY C 289 4.41 7.27 22.55
C GLY C 289 3.27 7.75 21.66
N TYR C 290 3.29 7.36 20.39
CA TYR C 290 2.31 7.83 19.42
C TYR C 290 0.91 7.24 19.71
N GLY C 291 0.82 5.92 19.84
CA GLY C 291 -0.48 5.28 20.14
C GLY C 291 -1.02 5.67 21.50
N GLN C 292 -0.13 5.93 22.45
CA GLN C 292 -0.50 6.38 23.80
C GLN C 292 -1.04 7.81 23.76
N TYR C 293 -0.58 8.59 22.78
CA TYR C 293 -1.12 9.92 22.53
C TYR C 293 -2.53 9.85 21.96
N LEU C 294 -2.74 8.98 20.96
CA LEU C 294 -4.05 8.84 20.36
C LEU C 294 -5.07 8.33 21.42
N LYS C 295 -4.62 7.44 22.30
CA LYS C 295 -5.47 6.92 23.37
C LYS C 295 -5.92 8.05 24.33
N ARG C 296 -4.97 8.89 24.74
CA ARG C 296 -5.26 10.05 25.59
C ARG C 296 -6.27 11.01 24.97
N LEU C 297 -6.25 11.14 23.64
CA LEU C 297 -7.18 12.01 22.90
C LEU C 297 -8.65 11.63 23.09
N LEU C 298 -8.91 10.35 23.38
CA LEU C 298 -10.27 9.84 23.56
C LEU C 298 -10.89 10.27 24.90
N THR C 299 -10.07 10.65 25.86
CA THR C 299 -10.56 11.04 27.20
C THR C 299 -10.34 12.52 27.56
N GLU C 300 -9.34 13.16 26.96
CA GLU C 300 -8.98 14.55 27.34
C GLU C 300 -9.67 15.57 26.44
N THR C 301 -10.25 16.61 27.05
CA THR C 301 -10.72 17.79 26.33
C THR C 301 -9.54 18.73 26.05
N VAL C 302 -9.29 19.02 24.78
CA VAL C 302 -8.24 19.97 24.39
C VAL C 302 -8.92 21.10 23.65
N TYR C 303 -8.65 22.34 24.06
CA TYR C 303 -9.27 23.53 23.47
C TYR C 303 -8.40 24.08 22.35
N MET D 11 45.33 -13.77 12.64
CA MET D 11 44.03 -14.15 12.02
C MET D 11 43.23 -12.91 11.67
N LYS D 12 42.45 -12.97 10.58
CA LYS D 12 41.62 -11.82 10.18
C LYS D 12 40.33 -11.75 10.98
N ARG D 13 39.79 -10.53 11.03
CA ARG D 13 38.56 -10.25 11.74
C ARG D 13 37.46 -9.86 10.76
N LYS D 14 36.33 -10.55 10.87
CA LYS D 14 35.13 -10.25 10.10
C LYS D 14 34.15 -9.47 10.99
N GLY D 15 33.41 -8.55 10.40
CA GLY D 15 32.50 -7.70 11.16
C GLY D 15 31.03 -8.04 10.95
N ILE D 16 30.25 -7.83 11.99
CA ILE D 16 28.80 -7.97 11.92
C ILE D 16 28.17 -6.64 12.33
N ILE D 17 27.22 -6.16 11.53
CA ILE D 17 26.40 -5.03 11.93
C ILE D 17 25.01 -5.55 12.21
N LEU D 18 24.57 -5.43 13.45
CA LEU D 18 23.23 -5.80 13.85
C LEU D 18 22.33 -4.58 13.71
N ALA D 19 21.49 -4.61 12.68
CA ALA D 19 20.54 -3.52 12.43
C ALA D 19 19.16 -4.06 12.72
N GLY D 20 18.91 -4.31 14.00
CA GLY D 20 17.68 -4.95 14.43
C GLY D 20 16.44 -4.10 14.36
N GLY D 21 15.29 -4.77 14.42
CA GLY D 21 14.00 -4.09 14.36
C GLY D 21 13.75 -3.36 15.66
N SER D 22 13.31 -2.10 15.57
CA SER D 22 12.96 -1.33 16.76
C SER D 22 11.46 -1.48 17.04
N GLY D 23 10.86 -2.52 16.48
CA GLY D 23 9.42 -2.74 16.59
C GLY D 23 8.66 -1.53 16.09
N THR D 24 7.73 -1.06 16.92
CA THR D 24 6.92 0.09 16.59
C THR D 24 7.36 1.33 17.37
N ARG D 25 8.51 1.25 18.04
CA ARG D 25 8.92 2.28 19.00
C ARG D 25 9.12 3.67 18.39
N LEU D 26 9.54 3.72 17.13
CA LEU D 26 9.78 4.99 16.45
C LEU D 26 8.70 5.29 15.41
N HIS D 27 7.54 4.64 15.54
CA HIS D 27 6.44 4.90 14.61
C HIS D 27 5.89 6.28 14.87
N PRO D 28 5.35 6.94 13.83
CA PRO D 28 5.22 6.47 12.45
C PRO D 28 6.44 6.80 11.57
N ALA D 29 7.50 7.37 12.14
CA ALA D 29 8.72 7.68 11.37
C ALA D 29 9.22 6.44 10.66
N THR D 30 9.16 5.30 11.36
CA THR D 30 9.63 4.02 10.83
C THR D 30 8.56 3.14 10.16
N LEU D 31 7.37 3.66 9.93
CA LEU D 31 6.44 3.03 8.98
C LEU D 31 6.92 3.25 7.54
N ALA D 32 7.45 4.46 7.27
CA ALA D 32 7.96 4.82 5.94
C ALA D 32 9.28 4.13 5.57
N ILE D 33 10.22 4.13 6.51
CA ILE D 33 11.61 3.73 6.25
C ILE D 33 12.21 2.96 7.45
N SER D 34 13.05 1.96 7.15
CA SER D 34 13.83 1.23 8.16
C SER D 34 14.53 2.16 9.15
N LYS D 35 14.55 1.79 10.43
CA LYS D 35 15.20 2.61 11.44
C LYS D 35 16.62 3.04 11.08
N GLN D 36 17.46 2.07 10.70
CA GLN D 36 18.88 2.32 10.43
C GLN D 36 19.15 2.88 9.03
N LEU D 37 18.10 3.24 8.30
CA LEU D 37 18.24 4.04 7.08
C LEU D 37 17.82 5.49 7.30
N LEU D 38 17.29 5.82 8.47
CA LEU D 38 17.01 7.20 8.82
C LEU D 38 18.33 7.99 8.89
N PRO D 39 18.35 9.23 8.38
CA PRO D 39 19.64 9.94 8.37
C PRO D 39 19.99 10.51 9.71
N VAL D 40 21.29 10.50 10.00
CA VAL D 40 21.84 11.30 11.07
C VAL D 40 22.50 12.46 10.35
N TYR D 41 21.84 13.61 10.45
CA TYR D 41 22.16 14.80 9.66
C TYR D 41 22.08 14.53 8.17
N ASP D 42 23.15 14.05 7.55
CA ASP D 42 23.25 14.10 6.10
C ASP D 42 23.46 12.75 5.43
N LYS D 43 23.53 11.69 6.22
CA LYS D 43 23.78 10.35 5.70
C LYS D 43 23.02 9.31 6.51
N PRO D 44 22.68 8.17 5.88
CA PRO D 44 21.96 7.11 6.59
C PRO D 44 22.66 6.62 7.87
N MET D 45 21.86 6.36 8.90
CA MET D 45 22.37 5.87 10.19
C MET D 45 23.41 4.76 10.04
N ILE D 46 23.13 3.77 9.19
CA ILE D 46 24.04 2.63 9.04
C ILE D 46 25.46 2.99 8.57
N TYR D 47 25.65 4.11 7.89
CA TYR D 47 27.00 4.56 7.50
C TYR D 47 27.94 4.73 8.71
N TYR D 48 27.38 5.06 9.87
CA TYR D 48 28.21 5.32 11.07
C TYR D 48 28.84 4.05 11.65
N PRO D 49 28.03 3.04 12.02
CA PRO D 49 28.64 1.79 12.47
C PRO D 49 29.42 1.08 11.36
N LEU D 50 29.01 1.22 10.11
CA LEU D 50 29.81 0.69 8.99
C LEU D 50 31.19 1.33 9.01
N SER D 51 31.23 2.64 9.16
CA SER D 51 32.50 3.38 9.22
C SER D 51 33.32 2.97 10.42
N THR D 52 32.66 2.65 11.54
CA THR D 52 33.34 2.18 12.73
C THR D 52 34.11 0.90 12.45
N LEU D 53 33.47 -0.04 11.76
CA LEU D 53 34.13 -1.30 11.39
C LEU D 53 35.29 -1.06 10.44
N MET D 54 35.07 -0.14 9.50
CA MET D 54 36.08 0.19 8.49
C MET D 54 37.32 0.80 9.12
N LEU D 55 37.12 1.68 10.09
CA LEU D 55 38.23 2.28 10.84
C LEU D 55 38.96 1.26 11.72
N ALA D 56 38.31 0.14 12.04
CA ALA D 56 38.98 -0.98 12.70
C ALA D 56 39.73 -1.87 11.71
N GLY D 57 39.72 -1.52 10.42
CA GLY D 57 40.37 -2.31 9.39
C GLY D 57 39.55 -3.47 8.86
N ILE D 58 38.24 -3.47 9.13
CA ILE D 58 37.40 -4.61 8.75
C ILE D 58 36.71 -4.32 7.42
N ARG D 59 36.92 -5.21 6.45
CA ARG D 59 36.39 -5.07 5.10
C ARG D 59 35.25 -6.06 4.81
N GLU D 60 35.22 -7.16 5.56
CA GLU D 60 34.32 -8.26 5.33
C GLU D 60 33.24 -8.20 6.39
N ILE D 61 32.04 -7.79 5.98
CA ILE D 61 30.99 -7.40 6.92
C ILE D 61 29.65 -8.01 6.55
N LEU D 62 29.03 -8.64 7.55
CA LEU D 62 27.68 -9.20 7.48
C LEU D 62 26.70 -8.20 8.11
N ILE D 63 25.68 -7.81 7.35
CA ILE D 63 24.62 -6.94 7.84
C ILE D 63 23.39 -7.79 8.14
N ILE D 64 22.99 -7.82 9.41
CA ILE D 64 21.86 -8.59 9.88
C ILE D 64 20.71 -7.67 10.22
N SER D 65 19.55 -7.88 9.61
CA SER D 65 18.38 -7.08 9.97
C SER D 65 17.10 -7.89 9.82
N THR D 66 15.96 -7.19 9.87
CA THR D 66 14.66 -7.85 9.82
C THR D 66 14.40 -8.38 8.41
N PRO D 67 13.39 -9.27 8.27
CA PRO D 67 13.01 -9.72 6.93
C PRO D 67 12.60 -8.57 6.02
N GLN D 68 11.94 -7.56 6.59
CA GLN D 68 11.53 -6.39 5.82
C GLN D 68 12.67 -5.44 5.46
N ASP D 69 13.62 -5.28 6.37
CA ASP D 69 14.64 -4.25 6.20
C ASP D 69 15.91 -4.72 5.50
N THR D 70 16.26 -6.00 5.63
CA THR D 70 17.50 -6.51 5.04
C THR D 70 17.59 -6.29 3.53
N PRO D 71 16.50 -6.58 2.81
CA PRO D 71 16.47 -6.21 1.38
C PRO D 71 16.72 -4.73 1.11
N ARG D 72 16.23 -3.85 1.97
CA ARG D 72 16.46 -2.41 1.77
C ARG D 72 17.94 -2.04 1.95
N PHE D 73 18.60 -2.64 2.93
CA PHE D 73 20.03 -2.45 3.10
C PHE D 73 20.80 -2.96 1.86
N GLN D 74 20.40 -4.13 1.34
CA GLN D 74 21.02 -4.68 0.14
C GLN D 74 20.84 -3.76 -1.06
N GLN D 75 19.62 -3.27 -1.26
CA GLN D 75 19.34 -2.38 -2.38
C GLN D 75 20.19 -1.11 -2.31
N LEU D 76 20.49 -0.64 -1.09
CA LEU D 76 21.27 0.60 -0.90
C LEU D 76 22.77 0.36 -1.09
N LEU D 77 23.30 -0.64 -0.40
CA LEU D 77 24.74 -0.86 -0.26
C LEU D 77 25.32 -1.93 -1.18
N GLY D 78 24.46 -2.83 -1.67
CA GLY D 78 24.91 -3.95 -2.49
C GLY D 78 25.97 -4.82 -1.82
N ASP D 79 26.90 -5.32 -2.64
CA ASP D 79 27.99 -6.14 -2.14
C ASP D 79 29.20 -5.34 -1.64
N GLY D 80 29.12 -4.00 -1.67
CA GLY D 80 30.20 -3.15 -1.15
C GLY D 80 31.45 -3.02 -2.02
N SER D 81 31.44 -3.67 -3.19
CA SER D 81 32.59 -3.63 -4.10
C SER D 81 32.94 -2.22 -4.54
N ASN D 82 31.94 -1.36 -4.72
CA ASN D 82 32.18 0.04 -5.09
C ASN D 82 33.07 0.76 -4.08
N TRP D 83 33.04 0.30 -2.82
CA TRP D 83 33.87 0.87 -1.75
C TRP D 83 34.94 -0.08 -1.30
N GLY D 84 35.26 -1.09 -2.11
CA GLY D 84 36.26 -2.08 -1.71
C GLY D 84 35.95 -2.89 -0.47
N LEU D 85 34.66 -3.12 -0.20
CA LEU D 85 34.23 -3.98 0.90
C LEU D 85 33.68 -5.30 0.37
N ASP D 86 33.45 -6.22 1.31
CA ASP D 86 32.84 -7.51 1.04
C ASP D 86 31.62 -7.63 1.95
N LEU D 87 30.50 -7.15 1.45
CA LEU D 87 29.28 -7.14 2.25
C LEU D 87 28.39 -8.35 1.95
N GLN D 88 27.87 -8.94 3.02
CA GLN D 88 26.93 -10.05 2.97
C GLN D 88 25.73 -9.69 3.85
N TYR D 89 24.60 -10.37 3.63
CA TYR D 89 23.35 -10.08 4.34
C TYR D 89 22.72 -11.33 4.92
N ALA D 90 22.12 -11.18 6.10
CA ALA D 90 21.35 -12.23 6.74
C ALA D 90 20.15 -11.64 7.48
N VAL D 91 19.11 -12.46 7.65
CA VAL D 91 17.90 -12.00 8.33
C VAL D 91 17.82 -12.53 9.76
N GLN D 92 17.38 -11.68 10.67
CA GLN D 92 16.94 -12.11 11.99
C GLN D 92 15.42 -12.07 11.97
N PRO D 93 14.75 -13.25 11.95
CA PRO D 93 13.28 -13.34 11.92
C PRO D 93 12.58 -12.55 13.01
N SER D 94 13.04 -12.67 14.24
CA SER D 94 12.42 -12.00 15.39
C SER D 94 13.46 -11.29 16.25
N PRO D 95 13.09 -10.14 16.86
CA PRO D 95 14.02 -9.48 17.79
C PRO D 95 14.20 -10.27 19.09
N ASP D 96 14.92 -11.39 19.02
CA ASP D 96 14.99 -12.34 20.14
C ASP D 96 16.36 -12.35 20.82
N GLY D 97 17.01 -11.19 20.85
CA GLY D 97 18.28 -11.03 21.53
C GLY D 97 19.39 -10.71 20.55
N LEU D 98 20.31 -9.86 20.98
CA LEU D 98 21.46 -9.46 20.16
C LEU D 98 22.44 -10.63 19.94
N ALA D 99 22.40 -11.63 20.84
CA ALA D 99 23.34 -12.76 20.79
C ALA D 99 23.03 -13.70 19.63
N GLN D 100 21.80 -13.66 19.13
CA GLN D 100 21.42 -14.40 17.95
C GLN D 100 22.24 -14.04 16.72
N ALA D 101 22.85 -12.84 16.74
CA ALA D 101 23.76 -12.43 15.68
C ALA D 101 24.83 -13.49 15.41
N PHE D 102 25.29 -14.16 16.46
CA PHE D 102 26.34 -15.18 16.32
C PHE D 102 25.83 -16.53 15.81
N LEU D 103 24.57 -16.86 16.04
CA LEU D 103 23.97 -18.07 15.47
C LEU D 103 23.59 -17.83 14.01
N ILE D 104 22.93 -16.70 13.74
CA ILE D 104 22.63 -16.29 12.36
C ILE D 104 23.92 -16.18 11.56
N GLY D 105 24.96 -15.61 12.18
CA GLY D 105 26.24 -15.38 11.53
C GLY D 105 27.28 -16.49 11.67
N GLU D 106 26.89 -17.64 12.22
CA GLU D 106 27.83 -18.75 12.42
C GLU D 106 28.63 -19.12 11.15
N SER D 107 27.94 -19.37 10.05
CA SER D 107 28.62 -19.74 8.80
C SER D 107 29.52 -18.61 8.31
N PHE D 108 29.02 -17.37 8.41
CA PHE D 108 29.80 -16.18 8.01
C PHE D 108 31.10 -16.07 8.81
N ILE D 109 31.00 -16.19 10.12
CA ILE D 109 32.18 -16.10 10.99
C ILE D 109 33.19 -17.21 10.66
N GLY D 110 32.68 -18.39 10.36
CA GLY D 110 33.54 -19.53 10.07
C GLY D 110 34.52 -19.73 11.19
N ASN D 111 35.80 -19.68 10.84
CA ASN D 111 36.88 -19.95 11.79
C ASN D 111 37.63 -18.70 12.21
N ASP D 112 37.12 -17.53 11.84
CA ASP D 112 37.84 -16.27 12.03
C ASP D 112 37.43 -15.54 13.32
N LEU D 113 38.26 -14.57 13.69
CA LEU D 113 37.93 -13.62 14.74
C LEU D 113 36.84 -12.71 14.22
N SER D 114 36.13 -12.05 15.13
CA SER D 114 35.01 -11.21 14.71
C SER D 114 34.87 -9.95 15.55
N ALA D 115 33.94 -9.12 15.12
CA ALA D 115 33.58 -7.90 15.82
C ALA D 115 32.10 -7.65 15.51
N LEU D 116 31.35 -7.26 16.54
CA LEU D 116 29.94 -6.90 16.37
C LEU D 116 29.76 -5.42 16.70
N VAL D 117 28.98 -4.73 15.87
CA VAL D 117 28.59 -3.35 16.14
C VAL D 117 27.07 -3.20 16.01
N LEU D 118 26.47 -2.47 16.96
CA LEU D 118 25.03 -2.19 16.92
C LEU D 118 24.75 -1.12 15.88
N GLY D 119 23.65 -1.29 15.15
CA GLY D 119 23.39 -0.48 13.95
C GLY D 119 23.05 0.98 14.22
N ASP D 120 22.68 1.29 15.46
CA ASP D 120 22.29 2.65 15.82
C ASP D 120 23.32 3.36 16.71
N ASN D 121 24.52 2.82 16.82
CA ASN D 121 25.58 3.43 17.62
C ASN D 121 26.52 4.28 16.77
N LEU D 122 26.87 5.47 17.27
CA LEU D 122 27.85 6.28 16.58
C LEU D 122 28.93 6.71 17.56
N TYR D 123 30.15 6.71 17.04
CA TYR D 123 31.35 6.99 17.82
C TYR D 123 32.06 8.14 17.15
N TYR D 124 32.55 9.07 17.96
CA TYR D 124 33.42 10.12 17.48
C TYR D 124 34.56 10.35 18.49
N GLY D 125 35.78 10.44 17.99
CA GLY D 125 36.88 10.88 18.81
C GLY D 125 38.22 10.77 18.12
N HIS D 126 39.26 11.20 18.83
CA HIS D 126 40.60 11.26 18.28
C HIS D 126 41.33 9.95 18.44
N ASP D 127 42.11 9.60 17.42
CA ASP D 127 42.91 8.38 17.39
C ASP D 127 41.98 7.18 17.64
N PHE D 128 40.79 7.25 17.04
CA PHE D 128 39.77 6.22 17.18
C PHE D 128 40.21 5.04 16.33
N HIS D 129 40.78 5.36 15.16
CA HIS D 129 41.46 4.40 14.29
C HIS D 129 42.44 3.55 15.06
N GLU D 130 43.22 4.17 15.94
CA GLU D 130 44.22 3.46 16.75
C GLU D 130 43.65 2.76 17.98
N LEU D 131 42.62 3.31 18.60
CA LEU D 131 41.92 2.61 19.69
C LEU D 131 41.20 1.33 19.19
N LEU D 132 40.79 1.33 17.92
CA LEU D 132 40.16 0.14 17.31
C LEU D 132 41.22 -0.85 16.83
N GLY D 133 42.26 -0.33 16.18
CA GLY D 133 43.40 -1.13 15.73
C GLY D 133 44.03 -1.94 16.85
N SER D 134 44.09 -1.36 18.06
CA SER D 134 44.67 -2.05 19.22
C SER D 134 43.80 -3.22 19.68
N ALA D 135 42.48 -3.01 19.74
CA ALA D 135 41.53 -4.05 20.14
C ALA D 135 41.45 -5.18 19.12
N SER D 136 41.56 -4.80 17.85
CA SER D 136 41.52 -5.74 16.73
C SER D 136 42.68 -6.73 16.83
N GLN D 137 43.82 -6.28 17.37
CA GLN D 137 45.04 -7.08 17.39
C GLN D 137 45.08 -8.17 18.47
N ARG D 138 44.33 -8.01 19.55
CA ARG D 138 44.24 -9.07 20.56
C ARG D 138 43.47 -10.22 19.94
N GLN D 139 44.14 -11.33 19.71
CA GLN D 139 43.53 -12.47 19.02
C GLN D 139 43.05 -13.54 20.00
N THR D 140 42.99 -13.19 21.28
CA THR D 140 42.51 -14.11 22.32
C THR D 140 41.48 -13.40 23.18
N GLY D 141 40.42 -14.13 23.54
CA GLY D 141 39.38 -13.61 24.41
C GLY D 141 38.50 -12.60 23.70
N ALA D 142 37.92 -11.69 24.48
CA ALA D 142 36.98 -10.68 23.98
C ALA D 142 37.37 -9.29 24.49
N SER D 143 37.04 -8.26 23.70
CA SER D 143 37.29 -6.87 24.08
C SER D 143 36.02 -6.04 23.96
N VAL D 144 35.72 -5.30 25.03
CA VAL D 144 34.63 -4.32 25.00
C VAL D 144 35.12 -3.00 25.59
N PHE D 145 34.34 -1.95 25.36
CA PHE D 145 34.67 -0.62 25.86
C PHE D 145 33.61 -0.16 26.85
N ALA D 146 34.08 0.49 27.92
CA ALA D 146 33.20 0.98 28.97
C ALA D 146 33.19 2.50 28.90
N TYR D 147 32.01 3.10 29.03
CA TYR D 147 31.83 4.55 28.82
C TYR D 147 30.96 5.10 29.92
N HIS D 148 31.45 6.15 30.56
CA HIS D 148 30.68 6.79 31.61
C HIS D 148 29.41 7.40 31.06
N VAL D 149 28.28 7.04 31.62
CA VAL D 149 27.00 7.60 31.17
C VAL D 149 26.14 8.07 32.34
N LEU D 150 25.13 8.88 32.03
CA LEU D 150 24.20 9.43 33.01
C LEU D 150 23.12 8.41 33.42
N ASP D 151 22.77 7.50 32.51
CA ASP D 151 21.66 6.56 32.73
C ASP D 151 22.08 5.10 32.50
N PRO D 152 22.95 4.56 33.38
CA PRO D 152 23.46 3.20 33.15
C PRO D 152 22.39 2.10 33.07
N GLU D 153 21.24 2.31 33.73
CA GLU D 153 20.13 1.32 33.75
C GLU D 153 19.63 0.90 32.38
N ARG D 154 19.92 1.70 31.34
CA ARG D 154 19.52 1.38 29.98
C ARG D 154 20.45 0.40 29.26
N TYR D 155 21.58 0.07 29.87
CA TYR D 155 22.64 -0.67 29.19
C TYR D 155 23.18 -1.82 29.99
N GLY D 156 24.09 -2.57 29.38
CA GLY D 156 24.96 -3.47 30.08
C GLY D 156 25.88 -2.63 30.94
N VAL D 157 25.91 -2.92 32.24
CA VAL D 157 26.69 -2.16 33.19
C VAL D 157 27.83 -3.01 33.73
N VAL D 158 29.03 -2.42 33.74
CA VAL D 158 30.22 -3.07 34.24
C VAL D 158 30.62 -2.48 35.59
N GLU D 159 30.85 -3.37 36.55
CA GLU D 159 31.38 -3.01 37.86
C GLU D 159 32.87 -3.29 37.87
N PHE D 160 33.64 -2.33 38.41
CA PHE D 160 35.09 -2.46 38.57
C PHE D 160 35.38 -2.47 40.07
N ASP D 161 36.38 -3.23 40.49
CA ASP D 161 36.80 -3.18 41.90
C ASP D 161 37.76 -2.02 42.12
N GLN D 162 38.30 -1.89 43.33
CA GLN D 162 39.16 -0.75 43.67
C GLN D 162 40.44 -0.68 42.83
N GLY D 163 40.89 -1.82 42.31
CA GLY D 163 42.04 -1.84 41.40
C GLY D 163 41.70 -1.44 39.96
N GLY D 164 40.41 -1.27 39.67
CA GLY D 164 39.95 -0.98 38.32
C GLY D 164 39.68 -2.22 37.47
N LYS D 165 39.66 -3.40 38.10
CA LYS D 165 39.43 -4.65 37.38
C LYS D 165 37.93 -4.91 37.25
N ALA D 166 37.47 -5.24 36.05
CA ALA D 166 36.06 -5.57 35.82
C ALA D 166 35.67 -6.81 36.62
N ILE D 167 34.64 -6.70 37.45
CA ILE D 167 34.23 -7.81 38.33
C ILE D 167 32.78 -8.25 38.19
N SER D 168 31.93 -7.49 37.50
CA SER D 168 30.56 -7.96 37.18
C SER D 168 29.93 -7.22 36.01
N LEU D 169 28.99 -7.90 35.35
CA LEU D 169 28.26 -7.35 34.21
C LEU D 169 26.78 -7.63 34.43
N GLU D 170 25.95 -6.60 34.29
CA GLU D 170 24.50 -6.72 34.49
C GLU D 170 23.72 -6.00 33.40
N GLU D 171 22.78 -6.70 32.77
CA GLU D 171 21.99 -6.10 31.70
C GLU D 171 20.82 -5.27 32.24
N LYS D 172 20.87 -3.97 32.00
CA LYS D 172 19.81 -3.05 32.42
C LYS D 172 19.37 -3.26 33.88
N PRO D 173 20.30 -3.05 34.82
CA PRO D 173 19.97 -3.27 36.23
C PRO D 173 19.07 -2.18 36.81
N LEU D 174 18.14 -2.58 37.69
CA LEU D 174 17.33 -1.60 38.42
C LEU D 174 18.19 -0.78 39.40
N GLU D 175 19.27 -1.39 39.89
CA GLU D 175 20.20 -0.73 40.82
C GLU D 175 21.66 -0.84 40.33
N PRO D 176 22.05 0.04 39.39
CA PRO D 176 23.37 -0.08 38.74
C PRO D 176 24.55 0.03 39.70
N LYS D 177 25.53 -0.86 39.55
CA LYS D 177 26.68 -0.89 40.42
C LYS D 177 27.74 0.13 40.01
N SER D 178 27.57 0.75 38.84
CA SER D 178 28.42 1.86 38.42
C SER D 178 27.72 2.71 37.37
N ASN D 179 28.40 3.75 36.91
CA ASN D 179 27.92 4.53 35.77
C ASN D 179 28.69 4.21 34.50
N TYR D 180 29.28 3.02 34.44
CA TYR D 180 29.97 2.60 33.23
C TYR D 180 29.14 1.62 32.41
N ALA D 181 28.73 2.11 31.23
CA ALA D 181 28.02 1.31 30.25
C ALA D 181 28.98 0.66 29.25
N VAL D 182 28.66 -0.56 28.85
CA VAL D 182 29.37 -1.25 27.81
C VAL D 182 28.82 -0.75 26.48
N THR D 183 29.67 -0.22 25.61
CA THR D 183 29.21 0.38 24.35
C THR D 183 28.82 -0.71 23.33
N GLY D 184 28.24 -0.32 22.19
CA GLY D 184 27.75 -1.29 21.18
C GLY D 184 28.81 -1.72 20.17
N LEU D 185 30.00 -2.01 20.67
CA LEU D 185 31.12 -2.38 19.84
C LEU D 185 31.85 -3.47 20.61
N TYR D 186 31.87 -4.66 20.03
CA TYR D 186 32.38 -5.84 20.70
C TYR D 186 33.33 -6.64 19.78
N PHE D 187 34.45 -7.11 20.33
CA PHE D 187 35.50 -7.85 19.59
C PHE D 187 35.62 -9.25 20.19
N TYR D 188 35.61 -10.29 19.35
CA TYR D 188 35.57 -11.69 19.80
C TYR D 188 36.56 -12.58 19.06
N ASP D 189 37.00 -13.61 19.78
CA ASP D 189 37.80 -14.68 19.20
C ASP D 189 36.89 -15.82 18.72
N GLN D 190 37.46 -16.98 18.47
CA GLN D 190 36.73 -18.10 17.85
C GLN D 190 35.82 -18.86 18.83
N GLN D 191 35.77 -18.44 20.09
CA GLN D 191 34.92 -19.10 21.08
C GLN D 191 33.47 -18.66 21.06
N VAL D 192 33.21 -17.46 20.51
CA VAL D 192 31.92 -16.80 20.73
C VAL D 192 30.72 -17.59 20.19
N VAL D 193 30.88 -18.23 19.04
CA VAL D 193 29.76 -19.02 18.48
C VAL D 193 29.33 -20.14 19.45
N ASP D 194 30.30 -20.92 19.94
CA ASP D 194 29.97 -21.99 20.90
C ASP D 194 29.44 -21.47 22.23
N ILE D 195 29.92 -20.31 22.67
CA ILE D 195 29.37 -19.65 23.86
C ILE D 195 27.91 -19.26 23.63
N ALA D 196 27.63 -18.66 22.48
CA ALA D 196 26.26 -18.26 22.12
C ALA D 196 25.33 -19.47 22.00
N ARG D 197 25.81 -20.54 21.36
CA ARG D 197 25.03 -21.78 21.19
C ARG D 197 24.57 -22.40 22.52
N ASP D 198 25.38 -22.25 23.55
CA ASP D 198 25.09 -22.85 24.85
C ASP D 198 24.36 -21.91 25.82
N LEU D 199 24.08 -20.68 25.38
CA LEU D 199 23.32 -19.73 26.20
C LEU D 199 21.85 -20.12 26.28
N LYS D 200 21.25 -19.86 27.44
CA LYS D 200 19.80 -19.94 27.61
C LYS D 200 19.20 -18.53 27.50
N PRO D 201 17.98 -18.41 26.92
CA PRO D 201 17.33 -17.10 26.89
C PRO D 201 17.05 -16.54 28.29
N SER D 202 17.14 -15.22 28.44
CA SER D 202 16.98 -14.56 29.73
C SER D 202 15.54 -14.63 30.26
N PRO D 203 15.32 -14.27 31.54
CA PRO D 203 13.98 -14.09 32.10
C PRO D 203 13.02 -13.23 31.25
N ARG D 204 13.59 -12.37 30.41
CA ARG D 204 12.81 -11.58 29.44
C ARG D 204 12.39 -12.44 28.25
N GLY D 205 13.31 -13.30 27.80
CA GLY D 205 13.10 -14.14 26.61
C GLY D 205 14.03 -13.73 25.48
N GLU D 206 15.27 -13.41 25.81
CA GLU D 206 16.24 -12.93 24.83
C GLU D 206 17.61 -13.59 25.05
N LEU D 207 18.31 -13.84 23.96
CA LEU D 207 19.71 -14.28 24.01
C LEU D 207 20.57 -13.03 24.16
N GLU D 208 21.11 -12.85 25.37
CA GLU D 208 21.73 -11.60 25.79
C GLU D 208 23.20 -11.51 25.40
N ILE D 209 23.60 -10.39 24.81
CA ILE D 209 25.02 -10.13 24.53
C ILE D 209 25.81 -9.96 25.84
N THR D 210 25.17 -9.42 26.88
CA THR D 210 25.78 -9.34 28.21
C THR D 210 26.06 -10.73 28.80
N ASP D 211 25.24 -11.73 28.46
CA ASP D 211 25.53 -13.12 28.83
C ASP D 211 26.78 -13.63 28.11
N VAL D 212 26.93 -13.30 26.82
CA VAL D 212 28.15 -13.71 26.09
C VAL D 212 29.35 -13.09 26.77
N ASN D 213 29.24 -11.80 27.09
CA ASN D 213 30.36 -11.05 27.68
C ASN D 213 30.71 -11.53 29.08
N ARG D 214 29.70 -11.89 29.87
CA ARG D 214 29.91 -12.49 31.19
C ARG D 214 30.62 -13.85 31.09
N ALA D 215 30.27 -14.64 30.07
CA ALA D 215 30.92 -15.93 29.84
C ALA D 215 32.43 -15.77 29.67
N TYR D 216 32.85 -14.74 28.93
CA TYR D 216 34.27 -14.45 28.77
C TYR D 216 34.87 -13.90 30.08
N LEU D 217 34.10 -13.08 30.79
CA LEU D 217 34.56 -12.52 32.08
C LEU D 217 34.92 -13.63 33.07
N GLU D 218 34.04 -14.63 33.19
CA GLU D 218 34.25 -15.76 34.10
C GLU D 218 35.42 -16.63 33.70
N ARG D 219 35.69 -16.73 32.39
CA ARG D 219 36.89 -17.40 31.89
C ARG D 219 38.15 -16.55 32.07
N GLY D 220 37.97 -15.29 32.51
CA GLY D 220 39.08 -14.36 32.70
C GLY D 220 39.65 -13.81 31.41
N GLN D 221 38.85 -13.84 30.35
CA GLN D 221 39.33 -13.49 29.01
C GLN D 221 38.61 -12.28 28.43
N LEU D 222 37.97 -11.47 29.28
CA LEU D 222 37.32 -10.23 28.85
C LEU D 222 38.20 -9.01 29.14
N SER D 223 38.56 -8.28 28.09
CA SER D 223 39.23 -7.00 28.22
C SER D 223 38.17 -5.90 28.17
N VAL D 224 38.02 -5.18 29.28
CA VAL D 224 37.17 -4.00 29.37
C VAL D 224 38.06 -2.76 29.39
N GLU D 225 38.14 -2.04 28.28
CA GLU D 225 38.95 -0.82 28.19
C GLU D 225 38.04 0.38 28.34
N ILE D 226 38.55 1.46 28.95
CA ILE D 226 37.75 2.67 29.12
C ILE D 226 37.74 3.50 27.83
N MET D 227 36.56 3.92 27.41
CA MET D 227 36.44 4.90 26.33
C MET D 227 36.24 6.20 27.07
N GLY D 228 37.23 7.07 26.99
CA GLY D 228 37.29 8.25 27.82
C GLY D 228 36.27 9.31 27.44
N ARG D 229 36.00 10.18 28.40
CA ARG D 229 35.05 11.31 28.25
C ARG D 229 35.32 12.23 27.05
N GLY D 230 36.55 12.21 26.55
CA GLY D 230 36.91 12.94 25.33
C GLY D 230 36.44 12.28 24.04
N TYR D 231 35.82 11.11 24.16
CA TYR D 231 35.12 10.48 23.02
C TYR D 231 33.63 10.74 23.16
N ALA D 232 32.95 10.93 22.04
CA ALA D 232 31.49 10.89 21.99
C ALA D 232 30.99 9.52 21.49
N TRP D 233 30.24 8.83 22.35
CA TRP D 233 29.49 7.65 21.96
C TRP D 233 28.05 8.03 22.11
N LEU D 234 27.34 8.11 20.99
CA LEU D 234 25.92 8.40 20.99
C LEU D 234 25.15 7.20 20.43
N ASP D 235 23.90 7.04 20.85
CA ASP D 235 23.03 6.10 20.14
C ASP D 235 21.74 6.80 19.72
N THR D 236 21.20 6.37 18.59
CA THR D 236 20.12 7.08 17.93
C THR D 236 18.82 6.30 18.00
N GLY D 237 18.53 5.74 19.16
CA GLY D 237 17.39 4.83 19.35
C GLY D 237 16.04 5.47 19.63
N THR D 238 16.03 6.76 19.96
CA THR D 238 14.78 7.53 20.09
C THR D 238 14.76 8.71 19.13
N HIS D 239 13.59 9.34 19.00
CA HIS D 239 13.44 10.52 18.16
C HIS D 239 14.32 11.63 18.72
N ASP D 240 14.34 11.76 20.04
CA ASP D 240 15.17 12.80 20.69
C ASP D 240 16.67 12.58 20.47
N SER D 241 17.13 11.35 20.69
CA SER D 241 18.54 11.02 20.55
C SER D 241 19.01 11.11 19.09
N LEU D 242 18.14 10.80 18.13
CA LEU D 242 18.48 10.92 16.71
C LEU D 242 18.70 12.38 16.33
N LEU D 243 17.82 13.25 16.79
CA LEU D 243 17.95 14.68 16.58
C LEU D 243 19.22 15.26 17.19
N GLU D 244 19.50 14.91 18.44
CA GLU D 244 20.74 15.34 19.09
C GLU D 244 21.96 14.89 18.34
N ALA D 245 21.95 13.65 17.84
CA ALA D 245 23.09 13.13 17.10
C ALA D 245 23.28 13.91 15.79
N GLY D 246 22.17 14.22 15.12
CA GLY D 246 22.18 15.05 13.89
C GLY D 246 22.82 16.41 14.07
N GLN D 247 22.42 17.11 15.14
CA GLN D 247 22.94 18.42 15.45
CA GLN D 247 22.97 18.44 15.43
C GLN D 247 24.44 18.35 15.79
N PHE D 248 24.82 17.26 16.46
CA PHE D 248 26.20 17.05 16.86
C PHE D 248 27.11 16.87 15.64
N ILE D 249 26.71 15.99 14.73
CA ILE D 249 27.45 15.73 13.55
C ILE D 249 27.47 16.98 12.66
N ALA D 250 26.32 17.66 12.56
CA ALA D 250 26.22 18.88 11.73
C ALA D 250 27.20 19.95 12.23
N THR D 251 27.27 20.12 13.54
CA THR D 251 28.16 21.12 14.17
C THR D 251 29.63 20.84 13.84
N LEU D 252 30.05 19.60 13.97
CA LEU D 252 31.41 19.20 13.66
C LEU D 252 31.71 19.38 12.16
N GLU D 253 30.84 18.89 11.29
CA GLU D 253 31.08 18.94 9.85
C GLU D 253 31.09 20.37 9.30
N ASN D 254 30.18 21.20 9.79
CA ASN D 254 30.14 22.59 9.35
C ASN D 254 31.27 23.45 9.87
N ARG D 255 31.86 23.06 10.99
CA ARG D 255 33.04 23.74 11.54
C ARG D 255 34.26 23.35 10.70
N GLN D 256 34.44 22.05 10.52
CA GLN D 256 35.65 21.47 9.99
C GLN D 256 35.74 21.42 8.49
N GLY D 257 34.59 21.41 7.80
CA GLY D 257 34.58 21.10 6.38
C GLY D 257 35.09 19.70 6.08
N LEU D 258 35.02 18.81 7.07
CA LEU D 258 35.35 17.39 6.94
C LEU D 258 34.14 16.60 7.42
N LYS D 259 33.93 15.41 6.86
CA LYS D 259 32.79 14.60 7.23
C LYS D 259 33.17 13.57 8.27
N VAL D 260 32.19 13.22 9.11
CA VAL D 260 32.29 12.09 10.00
C VAL D 260 31.58 10.92 9.34
N ALA D 261 32.25 9.77 9.28
CA ALA D 261 31.65 8.51 8.77
C ALA D 261 31.21 8.59 7.30
N CYS D 262 32.09 9.11 6.44
CA CYS D 262 31.91 9.03 4.98
C CYS D 262 32.65 7.79 4.48
N PRO D 263 31.92 6.72 4.14
CA PRO D 263 32.62 5.46 3.85
C PRO D 263 33.55 5.52 2.65
N GLU D 264 33.21 6.35 1.67
CA GLU D 264 34.03 6.49 0.49
C GLU D 264 35.40 7.05 0.89
N GLU D 265 35.38 8.03 1.78
CA GLU D 265 36.61 8.62 2.28
C GLU D 265 37.44 7.61 3.05
N ILE D 266 36.82 6.90 3.98
CA ILE D 266 37.54 5.96 4.81
C ILE D 266 38.14 4.82 3.97
N ALA D 267 37.39 4.35 2.99
CA ALA D 267 37.90 3.33 2.06
C ALA D 267 39.10 3.84 1.27
N TYR D 268 39.00 5.06 0.79
CA TYR D 268 40.09 5.70 0.04
C TYR D 268 41.35 5.88 0.89
N ARG D 269 41.18 6.31 2.14
CA ARG D 269 42.31 6.48 3.06
C ARG D 269 42.89 5.15 3.53
N GLN D 270 42.07 4.10 3.54
CA GLN D 270 42.55 2.75 3.85
C GLN D 270 43.18 2.06 2.63
N LYS D 271 43.15 2.71 1.47
CA LYS D 271 43.70 2.15 0.22
C LYS D 271 42.88 0.97 -0.29
N TRP D 272 41.60 0.89 0.10
CA TRP D 272 40.72 -0.17 -0.40
C TRP D 272 40.12 0.21 -1.70
N ILE D 273 40.10 1.51 -1.99
CA ILE D 273 39.77 2.02 -3.32
C ILE D 273 40.83 3.05 -3.69
N ASP D 274 41.04 3.25 -5.00
CA ASP D 274 42.05 4.22 -5.50
C ASP D 274 41.41 5.51 -6.02
N ALA D 275 42.25 6.44 -6.47
CA ALA D 275 41.80 7.76 -6.95
C ALA D 275 40.79 7.68 -8.09
N ALA D 276 41.03 6.80 -9.05
CA ALA D 276 40.12 6.65 -10.20
C ALA D 276 38.72 6.19 -9.75
N GLN D 277 38.66 5.33 -8.75
CA GLN D 277 37.40 4.84 -8.23
C GLN D 277 36.66 5.87 -7.37
N LEU D 278 37.40 6.65 -6.57
CA LEU D 278 36.79 7.76 -5.84
C LEU D 278 36.21 8.80 -6.80
N GLU D 279 36.95 9.10 -7.87
CA GLU D 279 36.46 10.02 -8.89
C GLU D 279 35.19 9.50 -9.57
N LYS D 280 35.09 8.18 -9.72
CA LYS D 280 33.91 7.54 -10.29
C LYS D 280 32.71 7.63 -9.35
N LEU D 281 32.97 7.42 -8.07
CA LEU D 281 31.93 7.52 -7.04
C LEU D 281 31.46 8.95 -6.85
N ALA D 282 32.38 9.90 -7.03
CA ALA D 282 32.05 11.31 -6.92
C ALA D 282 31.15 11.76 -8.07
N ALA D 283 31.42 11.25 -9.27
CA ALA D 283 30.72 11.68 -10.49
C ALA D 283 29.19 11.84 -10.36
N PRO D 284 28.45 10.75 -10.03
CA PRO D 284 26.98 10.87 -9.98
C PRO D 284 26.47 11.84 -8.92
N LEU D 285 27.27 12.06 -7.87
CA LEU D 285 26.90 12.97 -6.79
C LEU D 285 27.46 14.38 -7.01
N ALA D 286 27.97 14.64 -8.21
CA ALA D 286 28.71 15.88 -8.52
C ALA D 286 27.95 17.18 -8.21
N LYS D 287 26.62 17.13 -8.29
CA LYS D 287 25.81 18.34 -8.17
C LYS D 287 25.31 18.63 -6.75
N ASN D 288 25.81 17.88 -5.76
CA ASN D 288 25.58 18.20 -4.35
C ASN D 288 26.90 18.26 -3.56
N GLY D 289 26.81 18.76 -2.34
CA GLY D 289 27.98 18.92 -1.47
C GLY D 289 28.75 17.65 -1.15
N TYR D 290 28.07 16.50 -1.16
CA TYR D 290 28.73 15.23 -0.82
C TYR D 290 29.70 14.83 -1.92
N GLY D 291 29.24 14.89 -3.17
CA GLY D 291 30.08 14.59 -4.33
C GLY D 291 31.21 15.59 -4.50
N GLN D 292 30.93 16.86 -4.22
CA GLN D 292 31.95 17.90 -4.26
C GLN D 292 33.02 17.64 -3.19
N TYR D 293 32.60 17.14 -2.04
CA TYR D 293 33.54 16.72 -0.99
C TYR D 293 34.43 15.55 -1.40
N LEU D 294 33.84 14.50 -1.97
CA LEU D 294 34.61 13.37 -2.50
C LEU D 294 35.63 13.85 -3.55
N LYS D 295 35.23 14.82 -4.36
CA LYS D 295 36.11 15.37 -5.40
C LYS D 295 37.30 16.12 -4.78
N ARG D 296 37.02 16.97 -3.80
CA ARG D 296 38.06 17.69 -3.06
C ARG D 296 39.07 16.74 -2.40
N LEU D 297 38.60 15.59 -1.93
CA LEU D 297 39.48 14.54 -1.37
C LEU D 297 40.61 14.09 -2.30
N LEU D 298 40.38 14.21 -3.60
CA LEU D 298 41.38 13.84 -4.62
C LEU D 298 42.61 14.76 -4.66
N THR D 299 42.44 16.00 -4.24
CA THR D 299 43.50 17.01 -4.38
C THR D 299 44.06 17.53 -3.05
N GLU D 300 43.18 17.64 -2.05
CA GLU D 300 43.56 18.21 -0.75
C GLU D 300 44.32 17.21 0.12
N THR D 301 45.34 17.69 0.81
CA THR D 301 45.98 16.93 1.87
C THR D 301 45.25 17.20 3.19
N VAL D 302 44.72 16.14 3.80
CA VAL D 302 44.10 16.27 5.11
C VAL D 302 44.87 15.40 6.09
N TYR D 303 45.41 16.03 7.14
CA TYR D 303 46.25 15.33 8.13
C TYR D 303 45.40 14.67 9.22
CAA NWL E . 4.27 -28.90 1.55
CAB NWL E . 2.95 -29.30 1.28
CAC NWL E . 1.99 -28.34 0.97
CAD NWL E . 0.58 -28.82 0.72
OAE NWL E . -0.98 -26.74 1.64
CAF NWL E . -1.00 -26.91 0.42
NAG NWL E . -0.23 -27.94 -0.16
CAH NWL E . -0.28 -28.12 -1.56
NAI NWL E . 0.44 -29.10 -2.13
NAJ NWL E . -1.78 -26.09 -0.40
CAK NWL E . -1.82 -26.27 -1.78
CAL NWL E . -1.07 -27.29 -2.36
NAM NWL E . -1.10 -27.50 -3.67
CAN NWL E . -2.30 -28.10 -4.29
CAP NWL E . 3.66 -26.61 1.21
CAQ NWL E . 2.34 -26.99 0.95
OAQ NWL E . -2.52 -25.50 -2.46
CAR NWL E . -2.02 -29.58 -4.56
CAS NWL E . 4.62 -27.56 1.50
CL CL F . -0.52 -34.17 -4.04
C1 GOL G . -1.65 -24.98 -5.07
O1 GOL G . -1.65 -23.63 -4.64
C2 GOL G . -1.36 -25.13 -6.55
O2 GOL G . -0.81 -26.44 -6.74
C3 GOL G . -0.45 -24.00 -7.04
O3 GOL G . 0.60 -23.70 -6.13
O1 MES H . 9.52 -34.35 -23.12
C2 MES H . 10.90 -34.60 -22.84
C3 MES H . 11.60 -33.28 -22.51
N4 MES H . 11.48 -32.31 -23.63
C5 MES H . 10.04 -32.12 -23.88
C6 MES H . 9.34 -33.44 -24.20
C7 MES H . 12.12 -31.02 -23.31
C8 MES H . 13.63 -30.93 -23.63
S MES H . 14.14 -29.38 -24.08
O1S MES H . 13.94 -28.96 -22.67
O2S MES H . 15.53 -28.94 -23.80
O3S MES H . 13.05 -28.35 -24.37
CAA NWL I . -38.62 -2.01 -21.48
CAB NWL I . -38.04 -3.26 -21.71
CAC NWL I . -36.78 -3.56 -21.21
CAD NWL I . -36.23 -4.96 -21.52
OAE NWL I . -33.50 -4.41 -21.52
CAF NWL I . -33.90 -5.17 -20.64
NAG NWL I . -35.26 -5.50 -20.53
CAH NWL I . -35.69 -6.38 -19.51
NAI NWL I . -36.98 -6.70 -19.42
NAJ NWL I . -33.00 -5.69 -19.71
CAK NWL I . -33.42 -6.56 -18.68
CAL NWL I . -34.78 -6.91 -18.58
NAM NWL I . -35.25 -7.73 -17.62
CAN NWL I . -34.63 -9.00 -17.21
CAP NWL I . -36.64 -1.35 -20.27
CAQ NWL I . -36.08 -2.60 -20.51
OAQ NWL I . -32.58 -6.98 -17.90
CAR NWL I . -34.56 -10.04 -18.33
CAS NWL I . -37.92 -1.04 -20.76
CL CL J . -39.83 -10.92 -20.41
O1 MES K . -51.26 -14.49 -2.36
C2 MES K . -51.13 -14.53 -0.93
C3 MES K . -50.70 -13.16 -0.41
N4 MES K . -51.50 -12.03 -0.97
C5 MES K . -52.62 -12.52 -1.79
C6 MES K . -52.21 -13.54 -2.85
C7 MES K . -52.06 -11.10 0.06
C8 MES K . -51.09 -10.75 1.20
S MES K . -51.38 -9.21 1.81
O1S MES K . -51.92 -9.88 3.00
O2S MES K . -50.44 -8.63 2.81
O3S MES K . -52.76 -8.64 1.68
CAA NWL L . -9.95 21.52 15.11
CAB NWL L . -8.77 21.66 15.85
CAC NWL L . -7.60 21.05 15.42
CAD NWL L . -6.37 21.24 16.30
OAE NWL L . -5.26 18.74 16.10
CAF NWL L . -4.60 19.65 15.60
NAG NWL L . -5.07 20.95 15.64
CAH NWL L . -4.29 22.00 15.09
NAI NWL L . -4.75 23.25 15.13
NAJ NWL L . -3.36 19.38 15.01
CAK NWL L . -2.60 20.40 14.45
CAL NWL L . -3.06 21.72 14.49
NAM NWL L . -2.32 22.70 13.96
CAN NWL L . -1.58 23.68 14.80
CAP NWL L . -8.77 20.18 13.51
CAQ NWL L . -7.61 20.31 14.25
OAQ NWL L . -1.51 20.12 13.93
CAR NWL L . -0.54 23.01 15.72
CAS NWL L . -9.95 20.77 13.94
CL CL M . -4.37 27.41 18.00
C1 GOL N . -0.57 21.84 9.20
O1 GOL N . -0.64 23.22 8.81
C2 GOL N . 0.27 21.66 10.46
O2 GOL N . -0.45 20.76 11.29
C3 GOL N . 1.69 21.14 10.14
O3 GOL N . 2.13 21.46 8.81
C1 GOL O . 17.78 15.11 9.45
O1 GOL O . 17.54 16.04 10.51
C2 GOL O . 18.22 15.82 8.17
O2 GOL O . 19.28 16.75 8.45
C3 GOL O . 18.52 14.75 7.12
O3 GOL O . 18.80 15.32 5.83
O1 MES P . -2.00 42.81 3.09
C2 MES P . -3.39 42.96 2.78
C3 MES P . -3.71 42.23 1.46
N4 MES P . -2.80 42.66 0.38
C5 MES P . -1.41 42.45 0.80
C6 MES P . -1.14 43.27 2.05
C7 MES P . -3.07 41.88 -0.86
C8 MES P . -4.22 42.50 -1.66
S MES P . -4.32 41.96 -3.25
O1S MES P . -5.10 40.80 -2.71
O2S MES P . -5.59 42.34 -3.95
O3S MES P . -3.52 40.87 -3.82
CAA NWL Q . 42.97 6.86 8.47
CAB NWL Q . 42.36 8.08 8.73
CAC NWL Q . 41.01 8.25 8.45
CAD NWL Q . 40.38 9.61 8.73
OAE NWL Q . 38.26 9.85 7.00
CAF NWL Q . 37.95 9.72 8.18
NAG NWL Q . 38.95 9.57 9.15
CAH NWL Q . 38.59 9.43 10.51
NAI NWL Q . 39.54 9.30 11.46
NAJ NWL Q . 36.61 9.72 8.56
CAK NWL Q . 36.24 9.56 9.92
CAL NWL Q . 37.24 9.42 10.89
NAM NWL Q . 36.93 9.28 12.18
CAN NWL Q . 36.26 10.30 12.97
CAP NWL Q . 40.88 5.99 7.64
CAQ NWL Q . 40.27 7.21 7.89
OAQ NWL Q . 35.05 9.56 10.24
CAR NWL Q . 37.11 11.58 13.04
CAS NWL Q . 42.23 5.81 7.93
CL CL R . 41.84 12.61 14.88
C1 GOL S . 31.33 6.28 13.36
O1 GOL S . 30.94 7.63 13.62
C2 GOL S . 32.77 6.09 12.83
O2 GOL S . 33.73 6.07 13.90
C3 GOL S . 33.19 7.15 11.82
O3 GOL S . 33.97 8.14 12.49
O1 MES T . 41.56 1.41 33.36
C2 MES T . 40.41 1.15 34.16
C3 MES T . 39.81 -0.21 33.82
N4 MES T . 40.76 -1.04 33.04
C5 MES T . 42.10 -0.96 33.67
C6 MES T . 42.62 0.48 33.59
C7 MES T . 40.25 -2.44 32.81
C8 MES T . 40.68 -3.57 33.76
S MES T . 40.58 -5.10 33.04
O1S MES T . 39.22 -5.25 33.63
O2S MES T . 39.83 -5.29 31.77
O3S MES T . 40.88 -6.27 33.91
#